data_1E05
#
_entry.id   1E05
#
_cell.length_a   61.410
_cell.length_b   98.310
_cell.length_c   90.410
_cell.angle_alpha   90.00
_cell.angle_beta   103.32
_cell.angle_gamma   90.00
#
_symmetry.space_group_name_H-M   'P 1 21 1'
#
loop_
_entity.id
_entity.type
_entity.pdbx_description
1 polymer ANTITHROMBIN-III
2 branched 2-acetamido-2-deoxy-beta-D-glucopyranose-(1-4)-2-acetamido-2-deoxy-beta-D-glucopyranose
3 branched beta-D-mannopyranose-(1-4)-2-acetamido-2-deoxy-beta-D-glucopyranose-(1-4)-2-acetamido-2-deoxy-beta-D-glucopyranose
4 branched beta-D-galactopyranose-(1-4)-2-acetamido-2-deoxy-beta-D-glucopyranose-(1-2)-alpha-D-mannopyranose-(1-6)-[beta-D-mannopyranose-(1-2)-alpha-D-mannopyranose-(1-3)]alpha-L-gulopyranose-(1-4)-2-acetamido-2-deoxy-beta-D-glucopyranose-(1-4)-2-acetamido-2-deoxy-beta-D-glucopyranose
5 non-polymer alpha-D-mannopyranose
6 non-polymer 2-acetamido-2-deoxy-beta-D-glucopyranose
7 non-polymer GLYCEROL
8 non-polymer 'PHOSPHATE ION'
9 water water
#
_entity_poly.entity_id   1
_entity_poly.type   'polypeptide(L)'
_entity_poly.pdbx_seq_one_letter_code
;HGSPVDICTAKPRDIPMNPMCIYRSPEKKATEDEGSEQKIPEATNRRVWELSKANSRFATTFYQHLADSKNDNDNIFLSP
LSISTAFAMTKLGACNDTLQQLMEVFKFDTISEKTSDQIHFFFAKLNCRLYRKANKSSKLVSANRLFGDKSLTFNETYQD
ISELVYGAKLQPLDFKENAEQSRAAINKWVSNKTEGRITDVIPSEAINELTVLVLVNTIYFKGLWKSKFSPENTRKELFY
KADGESCSASMMYQEGKFRYRRVAEGTQVLELPFKGDDITMVLILPKPEKSLAKVEKELTPEVLQEWLDELEEMMLVVHM
PRFRIEDGFSLKEQLQDMGLVDLFSPEKSKLPGIVAEGRDDLYVSDAFHKAFLEVNEEGSEAAASTAVVIAGRSLNPNRV
TFKANRPFLVFIREVPLNTIIFMGRVANPCVK
;
_entity_poly.pdbx_strand_id   I,L
#
loop_
_chem_comp.id
_chem_comp.type
_chem_comp.name
_chem_comp.formula
BMA D-saccharide, beta linking beta-D-mannopyranose 'C6 H12 O6'
GAL D-saccharide, beta linking beta-D-galactopyranose 'C6 H12 O6'
GOL non-polymer GLYCEROL 'C3 H8 O3'
GUP L-saccharide, alpha linking alpha-L-gulopyranose 'C6 H12 O6'
MAN D-saccharide, alpha linking alpha-D-mannopyranose 'C6 H12 O6'
NAG D-saccharide, beta linking 2-acetamido-2-deoxy-beta-D-glucopyranose 'C8 H15 N O6'
PO4 non-polymer 'PHOSPHATE ION' 'O4 P -3'
#
# COMPACT_ATOMS: atom_id res chain seq x y z
N SER A 3 -20.61 34.82 13.47
CA SER A 3 -19.98 35.41 14.68
C SER A 3 -20.72 35.04 15.96
N PRO A 4 -22.04 35.20 15.97
CA PRO A 4 -22.86 34.89 17.12
C PRO A 4 -23.11 33.41 17.32
N VAL A 5 -24.11 32.86 16.63
CA VAL A 5 -24.51 31.48 16.80
C VAL A 5 -24.29 30.60 15.56
N ASP A 6 -23.53 29.52 15.75
CA ASP A 6 -23.33 28.54 14.68
C ASP A 6 -24.00 27.25 15.09
N ILE A 7 -24.10 26.30 14.18
CA ILE A 7 -24.72 25.00 14.40
C ILE A 7 -24.17 24.18 15.54
N CYS A 8 -22.88 24.24 15.85
CA CYS A 8 -22.24 23.62 16.97
C CYS A 8 -22.27 24.42 18.27
N THR A 9 -22.40 25.74 18.17
CA THR A 9 -22.49 26.64 19.32
C THR A 9 -23.92 26.62 19.86
N ALA A 10 -24.88 26.44 18.97
CA ALA A 10 -26.28 26.32 19.29
C ALA A 10 -26.52 25.50 20.55
N LYS A 11 -26.88 26.20 21.61
CA LYS A 11 -27.23 25.56 22.88
C LYS A 11 -28.75 25.35 22.80
N PRO A 12 -29.30 24.60 23.76
CA PRO A 12 -30.72 24.38 23.89
C PRO A 12 -31.63 25.58 23.85
N ARG A 13 -31.26 26.68 24.47
CA ARG A 13 -31.83 28.01 24.46
C ARG A 13 -32.04 28.64 23.11
N ASP A 14 -31.18 28.38 22.13
CA ASP A 14 -31.27 28.84 20.77
C ASP A 14 -32.36 28.23 19.93
N ILE A 15 -32.96 27.10 20.31
CA ILE A 15 -34.04 26.45 19.62
C ILE A 15 -35.33 26.40 20.44
N PRO A 16 -36.25 27.32 20.13
CA PRO A 16 -37.58 27.35 20.72
C PRO A 16 -38.46 26.23 20.19
N MET A 17 -39.27 25.64 21.05
CA MET A 17 -40.18 24.57 20.66
C MET A 17 -41.38 25.14 19.90
N ASN A 18 -41.83 24.45 18.85
CA ASN A 18 -43.00 24.93 18.10
C ASN A 18 -44.11 25.28 19.08
N PRO A 19 -44.64 26.50 18.97
CA PRO A 19 -45.63 27.02 19.89
C PRO A 19 -46.98 26.35 19.83
N MET A 20 -47.42 25.86 20.99
CA MET A 20 -48.69 25.23 21.21
C MET A 20 -49.07 24.11 20.25
N CYS A 21 -48.17 23.17 20.02
CA CYS A 21 -48.45 22.02 19.17
C CYS A 21 -48.15 20.75 19.98
N ILE A 22 -49.11 20.44 20.86
CA ILE A 22 -49.02 19.23 21.67
C ILE A 22 -48.88 18.05 20.71
N TYR A 23 -47.86 17.23 20.95
CA TYR A 23 -47.66 16.04 20.12
C TYR A 23 -48.31 14.83 20.71
N ARG A 24 -48.89 14.90 21.92
CA ARG A 24 -49.62 13.78 22.50
C ARG A 24 -48.68 12.57 22.58
N SER A 25 -47.70 12.69 23.47
CA SER A 25 -46.70 11.65 23.67
C SER A 25 -47.31 10.43 24.36
N GLN A 38 -30.35 -3.56 26.63
CA GLN A 38 -29.94 -3.03 25.34
C GLN A 38 -28.71 -2.14 25.48
N LYS A 39 -27.90 -2.02 24.42
CA LYS A 39 -26.69 -1.23 24.51
C LYS A 39 -26.29 -0.43 23.29
N ILE A 40 -25.23 0.36 23.50
CA ILE A 40 -24.68 1.24 22.49
C ILE A 40 -23.20 1.02 22.24
N PRO A 41 -22.84 0.93 20.95
CA PRO A 41 -21.46 0.79 20.51
C PRO A 41 -20.56 1.78 21.23
N GLU A 42 -19.34 1.35 21.53
CA GLU A 42 -18.39 2.12 22.29
C GLU A 42 -17.81 3.34 21.58
N ALA A 43 -17.70 4.42 22.36
CA ALA A 43 -17.20 5.71 21.95
C ALA A 43 -18.21 6.50 21.13
N THR A 44 -19.50 6.24 21.34
CA THR A 44 -20.57 6.86 20.59
C THR A 44 -21.15 8.04 21.36
N ASN A 45 -21.89 8.87 20.63
CA ASN A 45 -22.53 10.03 21.26
C ASN A 45 -23.86 9.59 21.87
N ARG A 46 -23.94 9.74 23.18
CA ARG A 46 -25.11 9.38 23.97
C ARG A 46 -26.27 10.34 23.76
N ARG A 47 -25.97 11.63 23.58
CA ARG A 47 -26.95 12.67 23.30
C ARG A 47 -27.77 12.36 22.04
N VAL A 48 -27.07 12.04 20.94
CA VAL A 48 -27.70 11.66 19.71
C VAL A 48 -28.01 10.18 19.59
N TRP A 49 -27.67 9.35 20.56
CA TRP A 49 -28.00 7.93 20.56
C TRP A 49 -29.49 7.69 20.40
N GLU A 50 -30.33 8.31 21.22
CA GLU A 50 -31.78 8.21 21.11
C GLU A 50 -32.33 8.54 19.74
N LEU A 51 -31.92 9.66 19.16
CA LEU A 51 -32.30 10.06 17.82
C LEU A 51 -31.79 9.13 16.74
N SER A 52 -30.58 8.58 16.89
CA SER A 52 -30.04 7.57 16.00
C SER A 52 -30.86 6.30 15.95
N LYS A 53 -31.45 5.84 17.06
CA LYS A 53 -32.33 4.71 17.07
C LYS A 53 -33.61 4.97 16.27
N ALA A 54 -34.18 6.16 16.37
CA ALA A 54 -35.35 6.56 15.62
C ALA A 54 -35.07 6.63 14.13
N ASN A 55 -33.96 7.27 13.75
CA ASN A 55 -33.52 7.32 12.36
C ASN A 55 -33.29 5.93 11.79
N SER A 56 -32.64 5.03 12.52
CA SER A 56 -32.45 3.66 12.10
C SER A 56 -33.72 2.83 12.04
N ARG A 57 -34.69 3.05 12.93
CA ARG A 57 -35.97 2.35 12.83
C ARG A 57 -36.69 2.80 11.57
N PHE A 58 -36.79 4.12 11.35
CA PHE A 58 -37.37 4.63 10.11
C PHE A 58 -36.71 3.98 8.90
N ALA A 59 -35.39 4.08 8.80
CA ALA A 59 -34.61 3.50 7.74
C ALA A 59 -34.95 2.07 7.36
N THR A 60 -34.84 1.12 8.29
CA THR A 60 -35.12 -0.27 8.01
C THR A 60 -36.55 -0.52 7.57
N THR A 61 -37.52 0.09 8.24
CA THR A 61 -38.93 0.05 7.92
C THR A 61 -39.21 0.61 6.53
N PHE A 62 -38.73 1.82 6.24
CA PHE A 62 -38.89 2.41 4.91
C PHE A 62 -38.25 1.51 3.86
N TYR A 63 -37.00 1.10 4.08
CA TYR A 63 -36.29 0.21 3.20
C TYR A 63 -37.07 -1.06 2.89
N GLN A 64 -37.48 -1.81 3.92
CA GLN A 64 -38.24 -3.03 3.74
C GLN A 64 -39.45 -2.88 2.84
N HIS A 65 -40.29 -1.89 3.10
CA HIS A 65 -41.42 -1.52 2.25
C HIS A 65 -40.97 -1.30 0.82
N LEU A 66 -40.03 -0.39 0.62
CA LEU A 66 -39.48 -0.13 -0.71
C LEU A 66 -38.98 -1.39 -1.38
N ALA A 67 -38.09 -2.15 -0.75
CA ALA A 67 -37.60 -3.41 -1.28
C ALA A 67 -38.70 -4.37 -1.68
N ASP A 68 -39.68 -4.60 -0.81
CA ASP A 68 -40.86 -5.41 -1.02
C ASP A 68 -41.71 -5.09 -2.22
N SER A 69 -41.79 -3.85 -2.70
CA SER A 69 -42.47 -3.49 -3.92
C SER A 69 -41.60 -3.54 -5.17
N LYS A 70 -40.32 -3.85 -5.01
CA LYS A 70 -39.37 -3.91 -6.10
C LYS A 70 -39.01 -5.34 -6.51
N ASN A 71 -38.64 -5.44 -7.78
CA ASN A 71 -38.21 -6.73 -8.32
C ASN A 71 -36.83 -7.03 -7.75
N ASP A 72 -36.52 -8.29 -7.52
CA ASP A 72 -35.27 -8.77 -6.96
C ASP A 72 -33.99 -8.49 -7.71
N ASN A 73 -34.05 -8.30 -9.01
CA ASN A 73 -32.97 -7.98 -9.91
C ASN A 73 -32.69 -6.50 -10.06
N ASP A 74 -33.37 -5.64 -9.32
CA ASP A 74 -33.13 -4.21 -9.35
C ASP A 74 -32.28 -3.71 -8.19
N ASN A 75 -31.36 -2.80 -8.51
CA ASN A 75 -30.54 -2.19 -7.47
C ASN A 75 -31.37 -1.18 -6.71
N ILE A 76 -31.07 -0.94 -5.44
CA ILE A 76 -31.73 0.09 -4.64
C ILE A 76 -30.59 0.94 -4.02
N PHE A 77 -30.78 2.25 -3.93
CA PHE A 77 -29.85 3.09 -3.19
C PHE A 77 -30.53 4.36 -2.71
N LEU A 78 -30.36 4.71 -1.45
CA LEU A 78 -30.98 5.93 -0.94
C LEU A 78 -30.33 6.36 0.35
N SER A 79 -30.63 7.57 0.78
CA SER A 79 -30.18 8.06 2.07
C SER A 79 -31.40 8.26 2.96
N PRO A 80 -31.63 7.30 3.86
CA PRO A 80 -32.66 7.40 4.87
C PRO A 80 -32.41 8.58 5.79
N LEU A 81 -31.19 8.80 6.24
CA LEU A 81 -30.80 9.97 7.02
C LEU A 81 -31.24 11.27 6.37
N SER A 82 -30.97 11.47 5.08
CA SER A 82 -31.42 12.61 4.32
C SER A 82 -32.92 12.85 4.35
N ILE A 83 -33.72 11.81 4.14
CA ILE A 83 -35.17 11.85 4.24
C ILE A 83 -35.65 12.19 5.64
N SER A 84 -35.05 11.63 6.68
CA SER A 84 -35.42 11.92 8.05
C SER A 84 -35.15 13.38 8.42
N THR A 85 -33.95 13.84 8.12
CA THR A 85 -33.55 15.23 8.30
C THR A 85 -34.50 16.18 7.60
N ALA A 86 -34.80 15.99 6.32
CA ALA A 86 -35.77 16.79 5.59
C ALA A 86 -37.12 16.92 6.24
N PHE A 87 -37.74 15.81 6.65
CA PHE A 87 -39.05 15.75 7.26
C PHE A 87 -39.14 16.24 8.68
N ALA A 88 -38.03 16.21 9.41
CA ALA A 88 -37.90 16.74 10.76
C ALA A 88 -37.78 18.25 10.73
N MET A 89 -37.15 18.75 9.68
CA MET A 89 -37.02 20.17 9.37
C MET A 89 -38.38 20.72 8.96
N THR A 90 -39.09 19.96 8.11
CA THR A 90 -40.42 20.28 7.65
C THR A 90 -41.47 20.41 8.72
N LYS A 91 -41.46 19.58 9.75
CA LYS A 91 -42.35 19.58 10.88
C LYS A 91 -42.30 20.74 11.84
N LEU A 92 -41.36 21.65 11.72
CA LEU A 92 -41.23 22.91 12.40
C LEU A 92 -42.45 23.79 12.16
N GLY A 93 -42.95 23.85 10.92
CA GLY A 93 -44.17 24.56 10.62
C GLY A 93 -45.42 23.70 10.64
N ALA A 94 -45.43 22.49 11.17
CA ALA A 94 -46.59 21.62 11.14
C ALA A 94 -47.25 21.45 12.50
N CYS A 95 -48.55 21.23 12.53
CA CYS A 95 -49.27 21.09 13.81
C CYS A 95 -50.35 20.03 13.68
N ASN A 96 -51.11 19.83 14.76
CA ASN A 96 -52.21 18.89 14.82
C ASN A 96 -51.88 17.53 14.25
N ASP A 97 -52.74 16.90 13.47
CA ASP A 97 -52.55 15.60 12.88
C ASP A 97 -51.45 15.45 11.86
N THR A 98 -51.06 16.52 11.18
CA THR A 98 -49.95 16.60 10.25
C THR A 98 -48.64 16.38 10.99
N LEU A 99 -48.47 17.08 12.12
CA LEU A 99 -47.34 16.86 13.00
C LEU A 99 -47.31 15.47 13.61
N GLN A 100 -48.45 14.94 14.04
CA GLN A 100 -48.56 13.64 14.64
C GLN A 100 -48.13 12.49 13.75
N GLN A 101 -48.61 12.52 12.51
CA GLN A 101 -48.23 11.56 11.48
C GLN A 101 -46.74 11.60 11.19
N LEU A 102 -46.15 12.79 11.04
CA LEU A 102 -44.72 12.97 10.90
C LEU A 102 -43.97 12.27 12.04
N MET A 103 -44.26 12.65 13.28
CA MET A 103 -43.62 11.99 14.41
C MET A 103 -43.74 10.47 14.34
N GLU A 104 -44.94 9.92 14.26
CA GLU A 104 -45.18 8.50 14.15
C GLU A 104 -44.49 7.81 13.00
N VAL A 105 -44.60 8.33 11.78
CA VAL A 105 -43.96 7.73 10.62
C VAL A 105 -42.45 7.74 10.61
N PHE A 106 -41.80 8.77 11.16
CA PHE A 106 -40.35 8.83 11.23
C PHE A 106 -39.77 8.34 12.52
N LYS A 107 -40.58 7.67 13.34
CA LYS A 107 -40.28 7.09 14.61
C LYS A 107 -39.65 8.04 15.61
N PHE A 108 -40.01 9.32 15.63
CA PHE A 108 -39.53 10.34 16.54
C PHE A 108 -40.30 10.27 17.84
N ASP A 109 -41.47 9.64 17.77
CA ASP A 109 -42.34 9.24 18.83
C ASP A 109 -41.78 8.18 19.76
N THR A 110 -40.88 7.32 19.30
CA THR A 110 -40.21 6.29 20.04
C THR A 110 -38.90 6.70 20.71
N ILE A 111 -38.71 7.95 21.08
CA ILE A 111 -37.46 8.43 21.64
C ILE A 111 -37.29 8.13 23.10
N SER A 112 -37.90 8.89 24.00
CA SER A 112 -37.70 8.63 25.43
C SER A 112 -38.84 9.16 26.28
N GLU A 113 -39.73 9.92 25.65
CA GLU A 113 -40.81 10.67 26.26
C GLU A 113 -40.42 12.12 26.49
N LYS A 114 -39.13 12.40 26.33
CA LYS A 114 -38.42 13.63 26.41
C LYS A 114 -38.13 14.21 25.03
N THR A 115 -39.01 13.90 24.09
CA THR A 115 -39.10 14.50 22.77
C THR A 115 -40.03 15.71 22.97
N SER A 116 -39.44 16.81 23.41
CA SER A 116 -40.14 18.03 23.75
C SER A 116 -39.55 19.11 22.83
N ASP A 117 -39.50 18.70 21.56
CA ASP A 117 -38.92 19.41 20.45
C ASP A 117 -37.41 19.55 20.69
N GLN A 118 -36.81 18.41 21.03
CA GLN A 118 -35.41 18.25 21.35
C GLN A 118 -34.74 17.49 20.21
N ILE A 119 -35.57 17.09 19.25
CA ILE A 119 -35.17 16.52 17.98
C ILE A 119 -34.39 17.57 17.19
N HIS A 120 -34.89 18.82 17.14
CA HIS A 120 -34.14 19.91 16.55
C HIS A 120 -32.79 20.11 17.23
N PHE A 121 -32.73 20.15 18.55
CA PHE A 121 -31.45 20.15 19.25
C PHE A 121 -30.59 18.93 18.92
N PHE A 122 -31.11 17.71 18.98
CA PHE A 122 -30.34 16.53 18.62
C PHE A 122 -29.86 16.53 17.18
N PHE A 123 -30.71 16.92 16.23
CA PHE A 123 -30.34 17.17 14.86
C PHE A 123 -29.28 18.25 14.71
N ALA A 124 -29.27 19.33 15.49
CA ALA A 124 -28.21 20.31 15.48
C ALA A 124 -26.87 19.62 15.77
N LYS A 125 -26.82 18.87 16.88
CA LYS A 125 -25.68 18.05 17.25
C LYS A 125 -25.26 16.99 16.27
N LEU A 126 -26.21 16.29 15.65
CA LEU A 126 -25.94 15.30 14.62
C LEU A 126 -25.45 15.97 13.35
N ASN A 127 -26.08 17.05 12.91
CA ASN A 127 -25.69 17.79 11.74
C ASN A 127 -24.37 18.55 11.84
N CYS A 128 -24.00 19.04 13.01
CA CYS A 128 -22.73 19.73 13.18
C CYS A 128 -21.55 18.79 12.98
N ARG A 129 -21.60 17.57 13.50
CA ARG A 129 -20.59 16.56 13.27
C ARG A 129 -20.59 16.00 11.86
N LEU A 130 -21.77 15.64 11.34
CA LEU A 130 -21.88 15.07 10.01
C LEU A 130 -21.23 15.95 8.95
N TYR A 131 -21.73 17.18 8.85
CA TYR A 131 -21.28 18.15 7.88
C TYR A 131 -20.37 19.18 8.54
N ARG A 132 -19.08 18.89 8.51
CA ARG A 132 -18.06 19.78 9.08
C ARG A 132 -17.04 20.02 7.97
N LYS A 133 -15.98 20.75 8.23
CA LYS A 133 -14.93 20.98 7.24
C LYS A 133 -13.59 20.70 7.91
N ALA A 134 -12.62 20.18 7.17
CA ALA A 134 -11.32 19.90 7.79
C ALA A 134 -10.27 19.54 6.75
N ASN A 135 -9.23 18.84 7.19
CA ASN A 135 -8.16 18.33 6.34
C ASN A 135 -8.34 16.82 6.15
N LYS A 136 -9.57 16.34 6.27
CA LYS A 136 -10.01 14.98 6.13
C LYS A 136 -10.52 14.68 4.72
N SER A 137 -10.31 13.44 4.28
CA SER A 137 -10.67 12.97 2.97
C SER A 137 -12.18 12.88 2.73
N SER A 138 -12.90 12.29 3.68
CA SER A 138 -14.33 12.08 3.53
C SER A 138 -15.11 13.39 3.50
N LYS A 139 -15.87 13.59 2.43
CA LYS A 139 -16.68 14.78 2.27
C LYS A 139 -18.17 14.40 2.25
N LEU A 140 -18.95 15.04 3.11
CA LEU A 140 -20.39 14.82 3.17
C LEU A 140 -21.15 16.12 2.97
N VAL A 141 -21.82 16.29 1.84
CA VAL A 141 -22.57 17.52 1.59
C VAL A 141 -24.07 17.31 1.75
N SER A 142 -24.71 18.16 2.54
CA SER A 142 -26.16 18.11 2.72
C SER A 142 -26.91 19.08 1.83
N ALA A 143 -27.89 18.61 1.09
CA ALA A 143 -28.76 19.45 0.28
C ALA A 143 -30.20 19.13 0.72
N ASN A 144 -30.75 20.05 1.51
CA ASN A 144 -32.07 19.86 2.11
C ASN A 144 -32.82 21.19 2.04
N ARG A 145 -33.73 21.28 1.07
CA ARG A 145 -34.48 22.51 0.86
C ARG A 145 -35.97 22.31 0.63
N LEU A 146 -36.73 23.30 1.10
CA LEU A 146 -38.18 23.34 0.93
C LEU A 146 -38.55 24.57 0.09
N PHE A 147 -39.21 24.37 -1.05
CA PHE A 147 -39.55 25.45 -1.96
C PHE A 147 -41.03 25.84 -1.94
N GLY A 148 -41.32 27.11 -1.70
CA GLY A 148 -42.69 27.61 -1.69
C GLY A 148 -42.93 28.57 -2.86
N ASP A 149 -44.16 28.66 -3.34
CA ASP A 149 -44.44 29.67 -4.39
C ASP A 149 -44.23 31.02 -3.71
N LYS A 150 -43.87 32.06 -4.45
CA LYS A 150 -43.61 33.39 -3.93
C LYS A 150 -44.71 34.01 -3.10
N SER A 151 -45.97 33.74 -3.38
CA SER A 151 -47.15 34.04 -2.64
C SER A 151 -47.19 33.52 -1.22
N LEU A 152 -46.51 32.43 -0.85
CA LEU A 152 -46.40 31.98 0.50
C LEU A 152 -45.28 32.67 1.27
N THR A 153 -45.53 32.80 2.57
CA THR A 153 -44.63 33.39 3.55
C THR A 153 -44.33 32.31 4.61
N PHE A 154 -43.08 32.20 4.99
CA PHE A 154 -42.69 31.22 6.01
C PHE A 154 -42.47 31.95 7.32
N ASN A 155 -43.00 31.40 8.40
CA ASN A 155 -42.83 32.02 9.72
C ASN A 155 -41.36 32.28 9.99
N GLU A 156 -41.07 33.28 10.81
CA GLU A 156 -39.73 33.69 11.18
C GLU A 156 -38.97 32.67 12.01
N THR A 157 -39.64 32.06 12.98
CA THR A 157 -39.08 30.97 13.76
C THR A 157 -38.83 29.72 12.92
N TYR A 158 -39.74 29.45 11.98
CA TYR A 158 -39.58 28.40 11.00
C TYR A 158 -38.34 28.64 10.15
N GLN A 159 -38.16 29.82 9.58
CA GLN A 159 -36.97 30.16 8.82
C GLN A 159 -35.69 30.09 9.65
N ASP A 160 -35.68 30.69 10.84
CA ASP A 160 -34.55 30.72 11.73
C ASP A 160 -34.05 29.38 12.21
N ILE A 161 -34.94 28.51 12.71
CA ILE A 161 -34.55 27.16 13.13
C ILE A 161 -34.04 26.33 11.96
N SER A 162 -34.71 26.39 10.82
CA SER A 162 -34.26 25.68 9.63
C SER A 162 -32.83 26.04 9.27
N GLU A 163 -32.52 27.32 9.16
CA GLU A 163 -31.19 27.83 8.92
C GLU A 163 -30.15 27.36 9.93
N LEU A 164 -30.39 27.61 11.21
CA LEU A 164 -29.43 27.26 12.26
C LEU A 164 -29.25 25.76 12.43
N VAL A 165 -30.33 25.04 12.67
CA VAL A 165 -30.27 23.61 12.94
C VAL A 165 -29.91 22.78 11.72
N TYR A 166 -30.55 23.04 10.59
CA TYR A 166 -30.39 22.21 9.40
C TYR A 166 -29.56 22.80 8.30
N GLY A 167 -29.30 24.12 8.34
CA GLY A 167 -28.67 24.85 7.25
C GLY A 167 -29.56 24.90 6.03
N ALA A 168 -30.88 24.83 6.19
CA ALA A 168 -31.86 24.67 5.18
C ALA A 168 -32.58 26.01 4.96
N LYS A 169 -32.83 26.32 3.69
CA LYS A 169 -33.53 27.54 3.33
C LYS A 169 -34.96 27.24 2.89
N LEU A 170 -35.90 28.06 3.33
CA LEU A 170 -37.28 27.95 2.82
C LEU A 170 -37.35 28.91 1.64
N GLN A 171 -37.17 28.36 0.43
CA GLN A 171 -37.05 29.12 -0.78
C GLN A 171 -38.29 29.51 -1.56
N PRO A 172 -38.47 30.82 -1.68
CA PRO A 172 -39.49 31.42 -2.53
C PRO A 172 -39.11 31.23 -4.01
N LEU A 173 -39.97 30.59 -4.78
CA LEU A 173 -39.77 30.41 -6.20
C LEU A 173 -41.09 30.80 -6.90
N ASP A 174 -41.00 31.32 -8.11
CA ASP A 174 -42.23 31.67 -8.84
C ASP A 174 -42.75 30.44 -9.55
N PHE A 175 -43.73 29.76 -8.96
CA PHE A 175 -44.30 28.57 -9.57
C PHE A 175 -45.46 28.91 -10.50
N LYS A 176 -46.23 29.93 -10.13
CA LYS A 176 -47.39 30.38 -10.88
C LYS A 176 -47.08 30.80 -12.31
N GLU A 177 -46.03 31.58 -12.53
CA GLU A 177 -45.67 32.02 -13.86
C GLU A 177 -44.48 31.30 -14.46
N ASN A 178 -43.52 30.79 -13.68
CA ASN A 178 -42.33 30.16 -14.24
C ASN A 178 -42.05 28.79 -13.64
N ALA A 179 -42.93 27.82 -13.83
CA ALA A 179 -42.77 26.51 -13.21
C ALA A 179 -41.58 25.76 -13.77
N GLU A 180 -41.50 25.72 -15.10
CA GLU A 180 -40.41 25.04 -15.80
C GLU A 180 -39.04 25.60 -15.46
N GLN A 181 -38.89 26.92 -15.50
CA GLN A 181 -37.69 27.63 -15.10
C GLN A 181 -37.37 27.44 -13.63
N SER A 182 -38.37 27.41 -12.75
CA SER A 182 -38.19 27.12 -11.34
C SER A 182 -37.71 25.70 -11.08
N ARG A 183 -38.28 24.74 -11.80
CA ARG A 183 -37.86 23.35 -11.80
C ARG A 183 -36.44 23.13 -12.27
N ALA A 184 -35.96 23.92 -13.24
CA ALA A 184 -34.61 23.89 -13.72
C ALA A 184 -33.59 24.42 -12.73
N ALA A 185 -33.98 25.41 -11.93
CA ALA A 185 -33.17 25.97 -10.87
C ALA A 185 -33.01 24.98 -9.72
N ILE A 186 -34.08 24.27 -9.38
CA ILE A 186 -34.01 23.21 -8.36
C ILE A 186 -33.04 22.13 -8.80
N ASN A 187 -33.19 21.62 -10.02
CA ASN A 187 -32.27 20.64 -10.57
C ASN A 187 -30.85 21.14 -10.71
N LYS A 188 -30.64 22.38 -11.14
CA LYS A 188 -29.34 23.01 -11.17
C LYS A 188 -28.70 23.13 -9.79
N TRP A 189 -29.45 23.45 -8.76
CA TRP A 189 -28.99 23.54 -7.40
C TRP A 189 -28.51 22.23 -6.80
N VAL A 190 -29.27 21.15 -6.96
CA VAL A 190 -28.88 19.82 -6.49
C VAL A 190 -27.64 19.31 -7.21
N SER A 191 -27.51 19.58 -8.50
CA SER A 191 -26.30 19.37 -9.25
C SER A 191 -25.10 20.17 -8.82
N ASN A 192 -25.13 21.42 -8.35
CA ASN A 192 -23.96 22.12 -7.81
C ASN A 192 -23.56 21.49 -6.47
N LYS A 193 -24.55 21.09 -5.69
CA LYS A 193 -24.41 20.34 -4.48
C LYS A 193 -23.96 18.90 -4.60
N THR A 194 -24.05 18.26 -5.77
CA THR A 194 -23.64 16.88 -5.95
C THR A 194 -22.45 16.75 -6.91
N GLU A 195 -21.86 17.87 -7.30
CA GLU A 195 -20.75 17.89 -8.23
C GLU A 195 -21.10 17.40 -9.62
N GLY A 196 -22.32 17.63 -10.08
CA GLY A 196 -22.86 17.18 -11.33
C GLY A 196 -23.34 15.75 -11.45
N ARG A 197 -23.37 14.99 -10.36
CA ARG A 197 -23.80 13.61 -10.39
C ARG A 197 -25.30 13.43 -10.44
N ILE A 198 -26.05 14.23 -9.67
CA ILE A 198 -27.52 14.16 -9.70
C ILE A 198 -28.04 15.43 -10.37
N THR A 199 -28.45 15.36 -11.64
CA THR A 199 -28.93 16.54 -12.34
C THR A 199 -30.42 16.59 -12.64
N ASP A 200 -31.23 15.78 -11.97
CA ASP A 200 -32.66 15.72 -12.24
C ASP A 200 -33.48 15.17 -11.09
N VAL A 201 -33.37 15.80 -9.92
CA VAL A 201 -34.12 15.36 -8.75
C VAL A 201 -35.62 15.44 -8.95
N ILE A 202 -36.09 16.54 -9.53
CA ILE A 202 -37.49 16.68 -9.93
C ILE A 202 -37.61 16.28 -11.39
N PRO A 203 -38.35 15.19 -11.65
CA PRO A 203 -38.55 14.70 -13.00
C PRO A 203 -39.45 15.62 -13.81
N SER A 204 -39.39 15.56 -15.14
CA SER A 204 -40.17 16.41 -16.01
C SER A 204 -41.65 16.50 -15.70
N GLU A 205 -42.15 17.72 -15.56
CA GLU A 205 -43.57 17.95 -15.32
C GLU A 205 -44.03 17.34 -14.01
N ALA A 206 -43.35 17.71 -12.93
CA ALA A 206 -43.75 17.29 -11.59
C ALA A 206 -44.13 18.59 -10.86
N ILE A 207 -43.71 19.69 -11.45
CA ILE A 207 -44.01 21.04 -10.97
C ILE A 207 -44.90 21.73 -12.00
N ASN A 208 -45.98 22.35 -11.56
CA ASN A 208 -46.85 23.11 -12.46
C ASN A 208 -47.18 24.47 -11.85
N GLU A 209 -48.12 25.20 -12.45
CA GLU A 209 -48.49 26.53 -11.95
C GLU A 209 -49.27 26.52 -10.65
N LEU A 210 -49.90 25.40 -10.31
CA LEU A 210 -50.63 25.18 -9.09
C LEU A 210 -49.84 24.57 -7.95
N THR A 211 -48.56 24.24 -8.14
CA THR A 211 -47.68 23.75 -7.09
C THR A 211 -47.34 24.89 -6.13
N VAL A 212 -47.45 24.61 -4.84
CA VAL A 212 -47.14 25.62 -3.84
C VAL A 212 -45.97 25.24 -2.96
N LEU A 213 -45.74 23.94 -2.73
CA LEU A 213 -44.73 23.45 -1.81
C LEU A 213 -44.09 22.16 -2.32
N VAL A 214 -42.76 22.15 -2.44
CA VAL A 214 -42.02 20.99 -2.88
C VAL A 214 -40.82 20.76 -1.97
N LEU A 215 -40.59 19.51 -1.54
CA LEU A 215 -39.46 19.22 -0.65
C LEU A 215 -38.36 18.49 -1.41
N VAL A 216 -37.15 19.06 -1.45
CA VAL A 216 -36.05 18.45 -2.18
C VAL A 216 -34.91 18.10 -1.22
N ASN A 217 -34.59 16.82 -1.08
CA ASN A 217 -33.50 16.44 -0.17
C ASN A 217 -32.54 15.45 -0.78
N THR A 218 -31.26 15.61 -0.49
CA THR A 218 -30.24 14.71 -0.99
C THR A 218 -28.96 14.83 -0.16
N ILE A 219 -28.17 13.76 -0.13
CA ILE A 219 -26.90 13.78 0.59
C ILE A 219 -25.80 13.38 -0.39
N TYR A 220 -24.68 14.08 -0.43
CA TYR A 220 -23.60 13.69 -1.34
C TYR A 220 -22.37 13.20 -0.59
N PHE A 221 -21.83 12.06 -1.03
CA PHE A 221 -20.68 11.47 -0.37
C PHE A 221 -19.50 11.15 -1.27
N LYS A 222 -18.33 11.56 -0.78
CA LYS A 222 -17.05 11.25 -1.42
C LYS A 222 -16.13 10.67 -0.32
N GLY A 223 -15.52 9.52 -0.55
CA GLY A 223 -14.64 8.95 0.46
C GLY A 223 -13.59 8.07 -0.20
N LEU A 224 -12.45 7.88 0.44
CA LEU A 224 -11.39 7.03 -0.08
C LEU A 224 -11.29 5.79 0.79
N TRP A 225 -11.12 4.63 0.16
CA TRP A 225 -11.02 3.41 0.96
C TRP A 225 -9.83 3.60 1.90
N LYS A 226 -9.94 3.07 3.12
CA LYS A 226 -8.81 3.05 4.04
C LYS A 226 -7.74 2.11 3.51
N SER A 227 -8.17 0.99 2.95
CA SER A 227 -7.35 0.00 2.27
C SER A 227 -7.85 -0.20 0.85
N LYS A 228 -7.25 0.53 -0.08
CA LYS A 228 -7.61 0.52 -1.48
C LYS A 228 -7.39 -0.82 -2.17
N PHE A 229 -8.11 -1.01 -3.28
CA PHE A 229 -7.93 -2.19 -4.11
C PHE A 229 -7.08 -1.65 -5.29
N SER A 230 -6.32 -2.52 -5.92
CA SER A 230 -5.56 -2.10 -7.09
C SER A 230 -6.37 -2.53 -8.29
N PRO A 231 -6.52 -1.63 -9.27
CA PRO A 231 -7.21 -1.92 -10.51
C PRO A 231 -6.59 -3.00 -11.37
N GLU A 232 -5.32 -3.32 -11.26
CA GLU A 232 -4.66 -4.47 -11.83
C GLU A 232 -5.16 -5.82 -11.34
N ASN A 233 -5.71 -5.98 -10.15
CA ASN A 233 -6.28 -7.22 -9.66
C ASN A 233 -7.75 -7.41 -10.01
N THR A 234 -8.40 -6.41 -10.60
CA THR A 234 -9.80 -6.47 -11.00
C THR A 234 -9.95 -7.34 -12.24
N ARG A 235 -11.03 -8.11 -12.32
CA ARG A 235 -11.22 -9.01 -13.46
C ARG A 235 -12.68 -9.41 -13.64
N LYS A 236 -13.07 -9.62 -14.89
CA LYS A 236 -14.45 -10.01 -15.21
C LYS A 236 -14.79 -11.34 -14.55
N GLU A 237 -15.88 -11.39 -13.82
CA GLU A 237 -16.32 -12.59 -13.12
C GLU A 237 -17.85 -12.69 -13.17
N LEU A 238 -18.35 -13.91 -13.09
CA LEU A 238 -19.79 -14.12 -13.13
C LEU A 238 -20.49 -13.61 -11.88
N PHE A 239 -21.53 -12.83 -12.12
CA PHE A 239 -22.37 -12.37 -11.01
C PHE A 239 -23.71 -13.09 -11.17
N TYR A 240 -24.19 -13.75 -10.13
CA TYR A 240 -25.40 -14.55 -10.23
C TYR A 240 -26.63 -13.81 -9.72
N LYS A 241 -27.46 -13.32 -10.63
CA LYS A 241 -28.66 -12.58 -10.24
C LYS A 241 -29.75 -13.45 -9.65
N ALA A 242 -30.76 -12.82 -9.05
CA ALA A 242 -31.92 -13.47 -8.47
C ALA A 242 -32.73 -14.32 -9.43
N ASP A 243 -32.89 -13.91 -10.69
CA ASP A 243 -33.57 -14.69 -11.70
C ASP A 243 -33.00 -16.06 -11.98
N GLY A 244 -31.70 -16.27 -11.90
CA GLY A 244 -31.08 -17.57 -12.09
C GLY A 244 -29.98 -17.43 -13.15
N GLU A 245 -29.95 -16.28 -13.80
CA GLU A 245 -28.93 -16.01 -14.81
C GLU A 245 -27.67 -15.43 -14.18
N SER A 246 -26.66 -15.28 -15.02
CA SER A 246 -25.38 -14.72 -14.61
C SER A 246 -24.93 -13.67 -15.61
N CYS A 247 -24.23 -12.64 -15.13
CA CYS A 247 -23.69 -11.62 -16.02
C CYS A 247 -22.22 -11.41 -15.68
N SER A 248 -21.56 -10.56 -16.45
CA SER A 248 -20.14 -10.31 -16.27
C SER A 248 -19.90 -9.02 -15.49
N ALA A 249 -19.42 -9.15 -14.26
CA ALA A 249 -19.11 -7.99 -13.43
C ALA A 249 -17.60 -7.77 -13.43
N SER A 250 -17.20 -6.57 -13.01
CA SER A 250 -15.78 -6.26 -12.83
C SER A 250 -15.48 -6.46 -11.34
N MET A 251 -14.99 -7.64 -11.02
CA MET A 251 -14.72 -8.02 -9.64
C MET A 251 -13.37 -7.54 -9.16
N MET A 252 -13.38 -6.75 -8.08
CA MET A 252 -12.16 -6.28 -7.45
C MET A 252 -11.74 -7.30 -6.40
N TYR A 253 -10.45 -7.32 -6.09
CA TYR A 253 -9.86 -8.32 -5.20
C TYR A 253 -8.79 -7.67 -4.33
N GLN A 254 -8.63 -8.17 -3.12
CA GLN A 254 -7.61 -7.70 -2.19
C GLN A 254 -7.60 -8.59 -0.96
N GLU A 255 -6.45 -8.75 -0.33
CA GLU A 255 -6.37 -9.49 0.93
C GLU A 255 -5.93 -8.48 2.00
N GLY A 256 -6.61 -8.44 3.13
CA GLY A 256 -6.27 -7.48 4.17
C GLY A 256 -7.01 -7.73 5.47
N LYS A 257 -6.80 -6.87 6.47
CA LYS A 257 -7.42 -6.98 7.78
C LYS A 257 -8.70 -6.15 7.85
N PHE A 258 -9.84 -6.83 7.91
CA PHE A 258 -11.17 -6.25 7.91
C PHE A 258 -12.00 -6.85 9.04
N ARG A 259 -12.87 -6.04 9.65
CA ARG A 259 -13.78 -6.57 10.66
C ARG A 259 -14.84 -7.44 9.98
N TYR A 260 -15.08 -8.63 10.51
CA TYR A 260 -15.96 -9.59 9.84
C TYR A 260 -16.64 -10.52 10.83
N ARG A 261 -17.70 -11.19 10.39
CA ARG A 261 -18.33 -12.29 11.06
C ARG A 261 -19.32 -13.02 10.15
N ARG A 262 -19.37 -14.34 10.27
CA ARG A 262 -20.42 -15.14 9.66
C ARG A 262 -21.51 -15.24 10.74
N VAL A 263 -22.70 -14.74 10.42
CA VAL A 263 -23.76 -14.67 11.41
C VAL A 263 -24.92 -15.61 11.11
N ALA A 264 -26.05 -15.37 11.76
CA ALA A 264 -27.25 -16.15 11.62
C ALA A 264 -27.53 -16.65 10.21
N GLU A 265 -27.52 -17.98 10.07
CA GLU A 265 -27.84 -18.66 8.83
C GLU A 265 -26.85 -18.47 7.71
N GLY A 266 -25.55 -18.43 8.03
CA GLY A 266 -24.49 -18.26 7.07
C GLY A 266 -24.27 -16.89 6.46
N THR A 267 -24.96 -15.86 6.89
CA THR A 267 -24.77 -14.52 6.34
C THR A 267 -23.39 -14.02 6.72
N GLN A 268 -22.67 -13.54 5.71
CA GLN A 268 -21.35 -12.95 5.93
C GLN A 268 -21.49 -11.44 6.04
N VAL A 269 -21.04 -10.85 7.13
CA VAL A 269 -21.04 -9.39 7.31
C VAL A 269 -19.60 -8.89 7.26
N LEU A 270 -19.39 -7.86 6.45
CA LEU A 270 -18.06 -7.27 6.26
C LEU A 270 -18.11 -5.75 6.44
N GLU A 271 -17.08 -5.16 7.02
CA GLU A 271 -17.02 -3.72 7.18
C GLU A 271 -15.79 -3.14 6.49
N LEU A 272 -16.00 -2.26 5.52
CA LEU A 272 -14.90 -1.62 4.80
C LEU A 272 -14.89 -0.13 5.11
N PRO A 273 -13.95 0.29 5.95
CA PRO A 273 -13.85 1.67 6.39
C PRO A 273 -13.16 2.56 5.37
N PHE A 274 -13.55 3.83 5.43
CA PHE A 274 -13.00 4.87 4.56
C PHE A 274 -11.96 5.64 5.39
N LYS A 275 -11.03 6.29 4.70
CA LYS A 275 -9.99 7.03 5.39
C LYS A 275 -10.57 7.87 6.53
N GLY A 276 -9.97 7.75 7.71
CA GLY A 276 -10.40 8.50 8.88
C GLY A 276 -11.12 7.63 9.89
N ASP A 277 -11.70 6.53 9.43
CA ASP A 277 -12.42 5.56 10.20
C ASP A 277 -13.81 5.89 10.66
N ASP A 278 -14.30 7.10 10.50
CA ASP A 278 -15.55 7.59 10.99
C ASP A 278 -16.72 7.16 10.13
N ILE A 279 -16.48 6.93 8.85
CA ILE A 279 -17.47 6.46 7.89
C ILE A 279 -17.06 5.08 7.37
N THR A 280 -17.94 4.09 7.43
CA THR A 280 -17.64 2.75 6.96
C THR A 280 -18.72 2.22 6.00
N MET A 281 -18.34 1.20 5.24
CA MET A 281 -19.26 0.47 4.37
C MET A 281 -19.47 -0.93 4.93
N VAL A 282 -20.70 -1.22 5.37
CA VAL A 282 -21.01 -2.55 5.86
C VAL A 282 -21.74 -3.33 4.76
N LEU A 283 -21.28 -4.54 4.45
CA LEU A 283 -21.91 -5.38 3.44
C LEU A 283 -22.50 -6.63 4.05
N ILE A 284 -23.73 -6.95 3.66
CA ILE A 284 -24.42 -8.16 4.14
C ILE A 284 -24.61 -9.09 2.96
N LEU A 285 -23.95 -10.24 3.01
CA LEU A 285 -23.97 -11.23 1.93
C LEU A 285 -24.47 -12.58 2.47
N PRO A 286 -25.70 -12.91 2.11
CA PRO A 286 -26.33 -14.15 2.58
C PRO A 286 -25.71 -15.33 1.83
N LYS A 287 -25.81 -16.53 2.40
CA LYS A 287 -25.24 -17.68 1.70
C LYS A 287 -25.92 -17.88 0.36
N PRO A 288 -25.30 -18.72 -0.48
CA PRO A 288 -25.82 -19.01 -1.81
C PRO A 288 -27.23 -19.53 -1.84
N GLU A 289 -27.59 -20.42 -0.94
CA GLU A 289 -28.88 -21.00 -0.71
C GLU A 289 -29.89 -20.16 0.02
N LYS A 290 -29.58 -18.98 0.56
CA LYS A 290 -30.57 -18.12 1.16
C LYS A 290 -30.69 -16.81 0.39
N SER A 291 -31.91 -16.50 -0.05
CA SER A 291 -32.11 -15.29 -0.85
C SER A 291 -31.94 -14.02 -0.04
N LEU A 292 -31.70 -12.92 -0.76
CA LEU A 292 -31.55 -11.60 -0.18
C LEU A 292 -32.86 -11.05 0.36
N ALA A 293 -33.97 -11.40 -0.29
CA ALA A 293 -35.33 -11.13 0.12
C ALA A 293 -35.64 -11.61 1.53
N LYS A 294 -35.28 -12.84 1.89
CA LYS A 294 -35.47 -13.33 3.24
C LYS A 294 -34.76 -12.46 4.26
N VAL A 295 -33.46 -12.18 4.04
CA VAL A 295 -32.68 -11.26 4.86
C VAL A 295 -33.31 -9.89 4.96
N GLU A 296 -33.78 -9.30 3.84
CA GLU A 296 -34.52 -8.07 3.84
C GLU A 296 -35.77 -8.09 4.69
N LYS A 297 -36.56 -9.17 4.69
CA LYS A 297 -37.69 -9.33 5.58
C LYS A 297 -37.29 -9.49 7.04
N GLU A 298 -36.12 -10.02 7.37
CA GLU A 298 -35.66 -10.18 8.73
C GLU A 298 -34.91 -9.00 9.34
N LEU A 299 -34.43 -8.07 8.52
CA LEU A 299 -33.70 -6.91 9.02
C LEU A 299 -34.50 -6.15 10.06
N THR A 300 -33.86 -5.75 11.12
CA THR A 300 -34.38 -4.87 12.17
C THR A 300 -33.11 -4.13 12.64
N PRO A 301 -33.28 -2.95 13.24
CA PRO A 301 -32.17 -2.21 13.82
C PRO A 301 -31.43 -2.98 14.91
N GLU A 302 -32.10 -3.72 15.78
CA GLU A 302 -31.49 -4.51 16.81
C GLU A 302 -30.73 -5.71 16.28
N VAL A 303 -31.22 -6.36 15.21
CA VAL A 303 -30.50 -7.46 14.57
C VAL A 303 -29.18 -6.96 13.98
N LEU A 304 -29.23 -5.86 13.24
CA LEU A 304 -28.04 -5.20 12.71
C LEU A 304 -27.03 -4.84 13.78
N GLN A 305 -27.45 -4.21 14.87
CA GLN A 305 -26.64 -3.83 15.99
C GLN A 305 -25.88 -4.96 16.67
N GLU A 306 -26.51 -6.10 16.87
CA GLU A 306 -25.86 -7.30 17.39
C GLU A 306 -24.77 -7.83 16.47
N TRP A 307 -25.02 -7.84 15.17
CA TRP A 307 -24.06 -8.21 14.14
C TRP A 307 -22.82 -7.33 14.11
N LEU A 308 -22.98 -6.01 14.22
CA LEU A 308 -21.86 -5.09 14.36
C LEU A 308 -21.07 -5.34 15.62
N ASP A 309 -21.70 -5.65 16.75
CA ASP A 309 -21.06 -6.07 17.97
C ASP A 309 -20.24 -7.35 17.89
N GLU A 310 -20.55 -8.28 17.02
CA GLU A 310 -19.83 -9.50 16.78
C GLU A 310 -18.61 -9.37 15.88
N LEU A 311 -18.52 -8.33 15.08
CA LEU A 311 -17.44 -8.11 14.13
C LEU A 311 -16.08 -8.04 14.81
N GLU A 312 -15.10 -8.72 14.22
CA GLU A 312 -13.73 -8.72 14.73
C GLU A 312 -12.69 -8.67 13.62
N GLU A 313 -11.60 -7.94 13.86
CA GLU A 313 -10.51 -7.83 12.89
C GLU A 313 -10.02 -9.20 12.44
N MET A 314 -9.72 -9.29 11.14
CA MET A 314 -9.30 -10.56 10.56
C MET A 314 -8.64 -10.43 9.19
N MET A 315 -7.60 -11.23 8.98
CA MET A 315 -6.96 -11.30 7.65
C MET A 315 -7.97 -12.05 6.79
N LEU A 316 -8.23 -11.56 5.58
CA LEU A 316 -9.35 -12.14 4.80
C LEU A 316 -9.20 -11.82 3.32
N VAL A 317 -9.81 -12.63 2.46
CA VAL A 317 -9.79 -12.38 1.03
C VAL A 317 -11.11 -11.74 0.59
N VAL A 318 -11.05 -10.52 0.07
CA VAL A 318 -12.23 -9.79 -0.34
C VAL A 318 -12.41 -9.76 -1.86
N HIS A 319 -13.60 -10.15 -2.29
CA HIS A 319 -14.04 -10.08 -3.67
C HIS A 319 -15.31 -9.23 -3.68
N MET A 320 -15.21 -8.08 -4.33
CA MET A 320 -16.28 -7.08 -4.36
C MET A 320 -16.30 -6.46 -5.76
N PRO A 321 -17.45 -6.46 -6.40
CA PRO A 321 -17.59 -5.86 -7.71
C PRO A 321 -17.70 -4.34 -7.56
N ARG A 322 -17.12 -3.62 -8.52
CA ARG A 322 -17.29 -2.16 -8.50
C ARG A 322 -18.68 -1.90 -9.07
N PHE A 323 -19.44 -0.96 -8.51
CA PHE A 323 -20.80 -0.75 -8.98
C PHE A 323 -21.17 0.72 -8.99
N ARG A 324 -22.26 1.00 -9.71
CA ARG A 324 -22.81 2.35 -9.82
C ARG A 324 -24.32 2.29 -9.69
N ILE A 325 -24.84 2.93 -8.63
CA ILE A 325 -26.26 2.98 -8.38
C ILE A 325 -26.74 4.44 -8.28
N GLU A 326 -27.70 4.75 -9.11
CA GLU A 326 -28.37 6.04 -9.18
C GLU A 326 -29.87 5.78 -8.98
N ASP A 327 -30.42 6.12 -7.82
CA ASP A 327 -31.83 5.84 -7.56
C ASP A 327 -32.60 7.11 -7.21
N GLY A 328 -33.58 7.44 -8.07
CA GLY A 328 -34.39 8.62 -7.92
C GLY A 328 -35.79 8.31 -7.40
N PHE A 329 -36.18 9.02 -6.34
CA PHE A 329 -37.43 8.79 -5.66
C PHE A 329 -38.40 9.97 -5.74
N SER A 330 -39.67 9.59 -5.65
CA SER A 330 -40.80 10.48 -5.46
C SER A 330 -41.54 9.88 -4.26
N LEU A 331 -41.17 10.34 -3.07
CA LEU A 331 -41.56 9.80 -1.80
C LEU A 331 -42.99 9.82 -1.33
N LYS A 332 -43.86 10.65 -1.89
CA LYS A 332 -45.23 10.83 -1.48
C LYS A 332 -46.10 9.60 -1.46
N GLU A 333 -46.11 8.78 -2.51
CA GLU A 333 -46.91 7.56 -2.55
C GLU A 333 -46.59 6.64 -1.38
N GLN A 334 -45.31 6.31 -1.21
CA GLN A 334 -44.84 5.45 -0.14
C GLN A 334 -45.03 6.05 1.24
N LEU A 335 -44.72 7.34 1.42
CA LEU A 335 -44.94 7.97 2.71
C LEU A 335 -46.40 7.98 3.10
N GLN A 336 -47.30 8.34 2.19
CA GLN A 336 -48.73 8.24 2.39
C GLN A 336 -49.22 6.83 2.71
N ASP A 337 -48.70 5.83 2.02
CA ASP A 337 -48.95 4.42 2.28
C ASP A 337 -48.49 3.95 3.65
N MET A 338 -47.45 4.54 4.22
CA MET A 338 -46.95 4.31 5.54
C MET A 338 -47.62 5.16 6.62
N GLY A 339 -48.52 6.08 6.30
CA GLY A 339 -49.19 6.86 7.32
C GLY A 339 -49.22 8.35 7.16
N LEU A 340 -48.19 8.96 6.58
CA LEU A 340 -48.13 10.41 6.40
C LEU A 340 -49.09 10.86 5.30
N VAL A 341 -50.32 11.23 5.67
CA VAL A 341 -51.36 11.59 4.74
C VAL A 341 -51.69 13.07 4.72
N ASP A 342 -52.03 13.67 5.85
CA ASP A 342 -52.48 15.03 6.00
C ASP A 342 -51.64 16.12 5.38
N LEU A 343 -50.33 16.05 5.51
CA LEU A 343 -49.35 16.88 4.87
C LEU A 343 -49.52 17.01 3.36
N PHE A 344 -49.89 15.96 2.64
CA PHE A 344 -50.12 15.97 1.23
C PHE A 344 -51.53 16.28 0.77
N SER A 345 -52.41 16.83 1.61
CA SER A 345 -53.76 17.13 1.18
C SER A 345 -54.17 18.53 1.57
N PRO A 346 -54.69 19.29 0.59
CA PRO A 346 -55.14 20.66 0.78
C PRO A 346 -56.08 20.84 1.94
N GLU A 347 -57.08 19.98 2.07
CA GLU A 347 -58.09 19.95 3.08
C GLU A 347 -57.60 19.66 4.49
N LYS A 348 -56.86 18.57 4.67
CA LYS A 348 -56.40 18.14 5.97
C LYS A 348 -55.10 18.75 6.47
N SER A 349 -54.16 19.10 5.60
CA SER A 349 -52.89 19.62 6.05
C SER A 349 -53.05 20.75 7.07
N LYS A 350 -52.21 20.70 8.09
CA LYS A 350 -52.12 21.73 9.10
C LYS A 350 -50.67 22.21 9.12
N LEU A 351 -50.35 23.25 8.36
CA LEU A 351 -49.04 23.89 8.36
C LEU A 351 -49.19 25.38 8.65
N PRO A 352 -49.27 25.73 9.95
CA PRO A 352 -49.40 27.09 10.40
C PRO A 352 -48.16 27.95 10.33
N GLY A 353 -46.98 27.37 10.13
CA GLY A 353 -45.75 28.06 9.85
C GLY A 353 -45.65 28.65 8.46
N ILE A 354 -46.47 28.25 7.50
CA ILE A 354 -46.56 28.73 6.14
C ILE A 354 -47.90 29.43 5.95
N VAL A 355 -47.97 30.47 5.13
CA VAL A 355 -49.16 31.34 5.06
C VAL A 355 -49.28 31.96 3.67
N ALA A 356 -50.50 32.23 3.22
CA ALA A 356 -50.72 32.83 1.90
C ALA A 356 -52.01 33.63 1.89
N GLU A 357 -51.96 34.87 1.41
CA GLU A 357 -53.15 35.72 1.43
C GLU A 357 -54.39 34.99 0.94
N GLY A 358 -55.38 34.86 1.82
CA GLY A 358 -56.66 34.28 1.54
C GLY A 358 -56.77 32.86 1.07
N ARG A 359 -55.97 31.94 1.59
CA ARG A 359 -56.05 30.54 1.19
C ARG A 359 -55.52 29.59 2.26
N ASP A 360 -56.38 28.67 2.70
CA ASP A 360 -56.05 27.70 3.72
C ASP A 360 -55.97 26.29 3.16
N ASP A 361 -55.43 26.19 1.95
CA ASP A 361 -55.25 24.93 1.24
C ASP A 361 -53.78 24.71 0.92
N LEU A 362 -52.89 25.18 1.79
CA LEU A 362 -51.47 24.96 1.57
C LEU A 362 -51.09 23.53 1.94
N TYR A 363 -50.38 22.86 1.06
CA TYR A 363 -49.99 21.48 1.29
C TYR A 363 -48.71 21.15 0.53
N VAL A 364 -48.02 20.08 0.91
CA VAL A 364 -46.83 19.64 0.18
C VAL A 364 -47.23 18.80 -1.03
N SER A 365 -46.85 19.22 -2.22
CA SER A 365 -47.15 18.54 -3.46
C SER A 365 -46.36 17.24 -3.62
N ASP A 366 -45.11 17.22 -3.18
CA ASP A 366 -44.26 16.05 -3.27
C ASP A 366 -42.94 16.24 -2.52
N ALA A 367 -42.20 15.15 -2.38
CA ALA A 367 -40.88 15.18 -1.77
C ALA A 367 -39.92 14.39 -2.66
N PHE A 368 -38.98 15.10 -3.27
CA PHE A 368 -38.03 14.48 -4.20
C PHE A 368 -36.69 14.17 -3.56
N HIS A 369 -36.27 12.91 -3.71
CA HIS A 369 -34.99 12.44 -3.18
C HIS A 369 -34.28 11.61 -4.24
N LYS A 370 -33.01 11.93 -4.47
CA LYS A 370 -32.22 11.17 -5.43
C LYS A 370 -30.83 10.92 -4.83
N ALA A 371 -30.37 9.69 -4.93
CA ALA A 371 -29.09 9.31 -4.35
C ALA A 371 -28.21 8.62 -5.40
N PHE A 372 -26.92 8.87 -5.29
CA PHE A 372 -25.92 8.37 -6.22
C PHE A 372 -24.72 7.75 -5.52
N LEU A 373 -24.35 6.53 -5.92
CA LEU A 373 -23.16 5.88 -5.40
C LEU A 373 -22.34 5.23 -6.51
N GLU A 374 -21.04 5.47 -6.47
CA GLU A 374 -20.12 4.85 -7.41
C GLU A 374 -18.95 4.25 -6.63
N VAL A 375 -18.89 2.92 -6.57
CA VAL A 375 -17.79 2.28 -5.84
C VAL A 375 -16.77 1.72 -6.81
N ASN A 376 -15.51 2.09 -6.60
CA ASN A 376 -14.44 1.50 -7.41
C ASN A 376 -13.27 1.18 -6.51
N GLU A 377 -12.08 0.99 -7.09
CA GLU A 377 -10.89 0.62 -6.38
C GLU A 377 -10.34 1.67 -5.46
N GLU A 378 -10.55 2.96 -5.70
CA GLU A 378 -10.12 4.03 -4.82
C GLU A 378 -11.07 4.35 -3.67
N GLY A 379 -12.36 4.07 -3.84
CA GLY A 379 -13.35 4.35 -2.80
C GLY A 379 -14.65 4.85 -3.42
N SER A 380 -15.37 5.70 -2.69
CA SER A 380 -16.62 6.23 -3.21
C SER A 380 -16.37 7.53 -3.98
N GLU A 381 -16.82 7.53 -5.23
CA GLU A 381 -16.73 8.77 -6.02
C GLU A 381 -15.32 9.36 -5.95
N ALA A 382 -14.41 8.66 -6.57
CA ALA A 382 -12.99 8.98 -6.62
C ALA A 382 -12.45 7.83 -7.51
N ALA A 383 -11.85 8.19 -8.63
CA ALA A 383 -11.41 7.15 -9.56
C ALA A 383 -9.98 7.46 -10.00
N ALA A 384 -9.06 6.59 -9.63
CA ALA A 384 -7.65 6.87 -9.93
C ALA A 384 -6.84 5.58 -9.98
N SER A 385 -5.53 5.75 -9.96
CA SER A 385 -4.62 4.63 -9.92
C SER A 385 -3.89 4.59 -8.58
N THR A 386 -4.15 3.51 -7.86
CA THR A 386 -3.41 3.20 -6.65
C THR A 386 -3.08 1.72 -6.80
N ALA A 387 -2.08 1.48 -7.67
CA ALA A 387 -1.51 0.13 -7.82
C ALA A 387 -0.97 -0.25 -6.45
N VAL A 388 -0.97 -1.54 -6.10
CA VAL A 388 -0.55 -1.94 -4.76
C VAL A 388 0.65 -2.87 -4.84
N VAL A 389 1.68 -2.60 -4.04
CA VAL A 389 2.84 -3.47 -3.98
C VAL A 389 2.95 -3.97 -2.52
N ILE A 390 2.73 -5.26 -2.33
CA ILE A 390 2.76 -5.88 -1.01
C ILE A 390 3.89 -6.90 -0.91
N ALA A 391 4.96 -6.61 -0.18
CA ALA A 391 6.06 -7.55 -0.07
C ALA A 391 6.22 -8.18 1.31
N GLY A 392 6.56 -9.46 1.32
CA GLY A 392 6.82 -10.19 2.54
C GLY A 392 5.55 -10.54 3.32
N ARG A 393 4.48 -10.85 2.59
CA ARG A 393 3.23 -11.25 3.20
C ARG A 393 3.02 -12.74 2.98
N SER A 394 2.73 -13.43 4.07
CA SER A 394 2.46 -14.86 4.03
C SER A 394 1.25 -15.12 4.93
N LEU A 395 0.07 -15.01 4.33
CA LEU A 395 -1.16 -15.17 5.09
C LEU A 395 -1.49 -16.63 5.38
N ASN A 396 -2.19 -16.84 6.49
CA ASN A 396 -2.60 -18.19 6.86
C ASN A 396 -3.28 -18.80 5.64
N PRO A 397 -2.94 -20.06 5.33
CA PRO A 397 -3.58 -20.81 4.27
C PRO A 397 -5.05 -21.14 4.43
N ASN A 398 -5.68 -21.00 5.58
CA ASN A 398 -7.07 -21.20 5.84
C ASN A 398 -7.85 -19.92 6.10
N ARG A 399 -7.40 -18.77 5.61
CA ARG A 399 -8.13 -17.53 5.83
C ARG A 399 -9.50 -17.64 5.16
N VAL A 400 -10.49 -16.95 5.71
CA VAL A 400 -11.85 -16.94 5.13
C VAL A 400 -11.82 -16.13 3.84
N THR A 401 -12.77 -16.37 2.95
CA THR A 401 -12.96 -15.61 1.74
C THR A 401 -14.37 -15.00 1.73
N PHE A 402 -14.44 -13.72 1.40
CA PHE A 402 -15.72 -13.05 1.13
C PHE A 402 -15.77 -12.77 -0.37
N LYS A 403 -16.63 -13.45 -1.10
CA LYS A 403 -16.79 -13.25 -2.54
C LYS A 403 -18.19 -12.70 -2.82
N ALA A 404 -18.29 -11.43 -3.21
CA ALA A 404 -19.59 -10.79 -3.46
C ALA A 404 -20.01 -10.89 -4.92
N ASN A 405 -20.48 -12.08 -5.27
CA ASN A 405 -20.89 -12.47 -6.61
C ASN A 405 -22.34 -12.91 -6.68
N ARG A 406 -23.15 -12.40 -5.76
CA ARG A 406 -24.60 -12.61 -5.72
C ARG A 406 -25.14 -11.53 -4.78
N PRO A 407 -26.34 -11.03 -5.08
CA PRO A 407 -26.88 -9.85 -4.45
C PRO A 407 -26.52 -9.64 -3.00
N PHE A 408 -26.31 -8.38 -2.60
CA PHE A 408 -25.98 -8.05 -1.21
C PHE A 408 -26.50 -6.67 -0.83
N LEU A 409 -26.62 -6.44 0.47
CA LEU A 409 -27.08 -5.19 1.04
C LEU A 409 -25.89 -4.27 1.34
N VAL A 410 -26.06 -2.96 1.18
CA VAL A 410 -24.97 -2.01 1.39
C VAL A 410 -25.35 -0.91 2.38
N PHE A 411 -24.57 -0.75 3.44
CA PHE A 411 -24.75 0.30 4.43
C PHE A 411 -23.53 1.21 4.47
N ILE A 412 -23.75 2.52 4.41
CA ILE A 412 -22.67 3.49 4.62
C ILE A 412 -23.02 4.22 5.92
N ARG A 413 -22.28 3.96 7.00
CA ARG A 413 -22.60 4.55 8.28
C ARG A 413 -21.51 5.47 8.82
N GLU A 414 -21.93 6.29 9.77
CA GLU A 414 -21.04 7.19 10.52
C GLU A 414 -20.91 6.49 11.88
N VAL A 415 -19.70 6.08 12.20
CA VAL A 415 -19.41 5.25 13.36
C VAL A 415 -19.70 5.93 14.68
N PRO A 416 -19.03 7.06 14.94
CA PRO A 416 -19.24 7.83 16.15
C PRO A 416 -20.68 8.16 16.47
N LEU A 417 -21.49 8.59 15.51
CA LEU A 417 -22.90 8.86 15.65
C LEU A 417 -23.81 7.65 15.51
N ASN A 418 -23.30 6.52 15.03
CA ASN A 418 -24.11 5.31 14.87
C ASN A 418 -25.37 5.65 14.07
N THR A 419 -25.14 6.07 12.84
CA THR A 419 -26.13 6.67 11.98
C THR A 419 -26.03 6.01 10.61
N ILE A 420 -27.16 5.47 10.16
CA ILE A 420 -27.14 4.89 8.80
C ILE A 420 -27.30 6.04 7.82
N ILE A 421 -26.24 6.40 7.11
CA ILE A 421 -26.30 7.51 6.17
C ILE A 421 -26.99 7.08 4.88
N PHE A 422 -26.43 6.05 4.25
CA PHE A 422 -26.95 5.53 2.99
C PHE A 422 -27.19 4.02 3.17
N MET A 423 -28.28 3.54 2.58
CA MET A 423 -28.55 2.11 2.58
C MET A 423 -29.04 1.73 1.18
N GLY A 424 -28.75 0.49 0.79
CA GLY A 424 -29.09 0.07 -0.56
C GLY A 424 -28.92 -1.42 -0.79
N ARG A 425 -28.89 -1.78 -2.06
CA ARG A 425 -28.81 -3.19 -2.45
C ARG A 425 -28.14 -3.31 -3.81
N VAL A 426 -27.18 -4.21 -3.91
CA VAL A 426 -26.54 -4.45 -5.20
C VAL A 426 -27.07 -5.78 -5.73
N ALA A 427 -27.96 -5.71 -6.71
CA ALA A 427 -28.57 -6.91 -7.28
C ALA A 427 -28.01 -7.17 -8.68
N ASN A 428 -27.54 -6.10 -9.30
CA ASN A 428 -26.97 -6.21 -10.63
C ASN A 428 -25.91 -5.13 -10.82
N PRO A 429 -24.65 -5.51 -10.66
CA PRO A 429 -23.53 -4.59 -10.83
C PRO A 429 -22.98 -4.56 -12.24
N CYS A 430 -23.42 -5.49 -13.06
CA CYS A 430 -23.00 -5.66 -14.43
C CYS A 430 -23.20 -4.49 -15.37
N VAL A 431 -22.29 -4.43 -16.33
CA VAL A 431 -22.26 -3.42 -17.38
C VAL A 431 -23.32 -3.64 -18.44
N SER B 3 49.56 16.84 -5.82
CA SER B 3 49.58 15.46 -5.25
C SER B 3 50.45 14.53 -6.09
N PRO B 4 50.84 13.40 -5.50
CA PRO B 4 51.63 12.40 -6.20
C PRO B 4 50.77 11.76 -7.29
N VAL B 5 49.64 11.20 -6.87
CA VAL B 5 48.69 10.60 -7.79
C VAL B 5 47.31 10.47 -7.16
N ASP B 6 46.33 10.83 -7.96
CA ASP B 6 44.94 10.46 -7.70
C ASP B 6 44.63 9.63 -8.93
N ILE B 7 44.49 8.32 -8.77
CA ILE B 7 44.20 7.41 -9.89
C ILE B 7 42.90 7.76 -10.58
N CYS B 8 41.89 8.21 -9.87
CA CYS B 8 40.69 8.89 -10.24
C CYS B 8 40.82 9.92 -11.35
N THR B 9 41.74 10.87 -11.27
CA THR B 9 41.94 11.83 -12.36
C THR B 9 42.93 11.33 -13.40
N ALA B 10 43.90 10.53 -12.97
CA ALA B 10 44.93 9.98 -13.83
C ALA B 10 44.43 9.41 -15.14
N LYS B 11 45.32 9.40 -16.14
CA LYS B 11 45.02 8.83 -17.46
C LYS B 11 45.75 7.51 -17.55
N PRO B 12 45.23 6.56 -18.34
CA PRO B 12 45.77 5.24 -18.50
C PRO B 12 47.25 5.09 -18.76
N ARG B 13 47.88 5.98 -19.52
CA ARG B 13 49.30 6.14 -19.71
C ARG B 13 49.99 6.99 -18.65
N ASP B 14 49.61 6.90 -17.38
CA ASP B 14 50.19 7.61 -16.27
C ASP B 14 50.70 6.57 -15.26
N ILE B 15 49.76 5.88 -14.61
CA ILE B 15 50.20 4.81 -13.70
C ILE B 15 50.82 3.71 -14.52
N PRO B 16 52.00 3.24 -14.07
CA PRO B 16 52.70 2.10 -14.65
C PRO B 16 52.26 0.76 -14.09
N MET B 17 50.98 0.50 -14.09
CA MET B 17 50.20 -0.62 -13.62
C MET B 17 50.47 -1.82 -14.51
N ASN B 18 51.54 -2.53 -14.14
CA ASN B 18 52.14 -3.60 -14.91
C ASN B 18 52.45 -4.80 -14.00
N PRO B 19 51.46 -5.68 -13.87
CA PRO B 19 51.58 -6.87 -13.05
C PRO B 19 52.48 -7.93 -13.69
N MET B 20 52.62 -9.05 -13.00
CA MET B 20 53.47 -10.14 -13.44
C MET B 20 53.11 -10.65 -14.83
N CYS B 21 51.99 -11.35 -14.92
CA CYS B 21 51.54 -11.92 -16.17
C CYS B 21 50.36 -11.14 -16.75
N ILE B 22 50.28 -11.16 -18.08
CA ILE B 22 49.19 -10.50 -18.79
C ILE B 22 48.49 -11.58 -19.63
N TYR B 23 47.19 -11.43 -19.80
CA TYR B 23 46.42 -12.31 -20.67
C TYR B 23 45.74 -11.43 -21.71
N ARG B 24 45.64 -11.93 -22.94
CA ARG B 24 44.98 -11.18 -24.01
C ARG B 24 43.66 -11.88 -24.33
N SER B 25 42.56 -11.17 -24.13
CA SER B 25 41.24 -11.72 -24.43
C SER B 25 41.10 -11.85 -25.94
N PRO B 26 40.79 -13.07 -26.39
CA PRO B 26 40.62 -13.36 -27.80
C PRO B 26 39.79 -12.31 -28.51
N GLU B 27 40.18 -12.00 -29.75
CA GLU B 27 39.47 -11.01 -30.55
C GLU B 27 38.08 -11.52 -30.92
N LYS B 28 37.05 -10.86 -30.39
CA LYS B 28 35.66 -11.23 -30.62
C LYS B 28 34.85 -10.01 -31.05
N GLU B 42 34.05 9.13 -23.88
CA GLU B 42 35.46 8.82 -23.82
C GLU B 42 35.70 7.31 -23.81
N ALA B 43 36.93 6.92 -24.14
CA ALA B 43 37.34 5.52 -24.13
C ALA B 43 37.38 4.94 -22.73
N THR B 44 37.87 5.71 -21.75
CA THR B 44 37.88 5.29 -20.36
C THR B 44 36.47 5.14 -19.83
N ASN B 45 35.61 6.13 -20.03
CA ASN B 45 34.21 6.09 -19.64
C ASN B 45 33.41 4.93 -20.23
N ARG B 46 33.59 4.64 -21.51
CA ARG B 46 32.97 3.52 -22.19
C ARG B 46 33.49 2.17 -21.72
N ARG B 47 34.76 2.08 -21.31
CA ARG B 47 35.35 0.93 -20.69
C ARG B 47 34.92 0.73 -19.24
N VAL B 48 34.60 1.81 -18.54
CA VAL B 48 34.06 1.76 -17.18
C VAL B 48 32.64 1.23 -17.19
N TRP B 49 31.87 1.63 -18.20
CA TRP B 49 30.54 1.09 -18.46
C TRP B 49 30.57 -0.37 -18.86
N GLU B 50 31.58 -0.80 -19.59
CA GLU B 50 31.82 -2.19 -19.94
C GLU B 50 32.20 -3.05 -18.74
N LEU B 51 32.98 -2.52 -17.81
CA LEU B 51 33.32 -3.21 -16.57
C LEU B 51 32.08 -3.47 -15.73
N SER B 52 31.18 -2.51 -15.61
CA SER B 52 29.90 -2.63 -14.95
C SER B 52 29.02 -3.75 -15.48
N LYS B 53 28.92 -3.94 -16.80
CA LYS B 53 28.19 -5.03 -17.41
C LYS B 53 28.79 -6.38 -17.02
N ALA B 54 30.12 -6.51 -17.12
CA ALA B 54 30.85 -7.67 -16.63
C ALA B 54 30.47 -8.04 -15.20
N ASN B 55 30.60 -7.08 -14.27
CA ASN B 55 30.21 -7.25 -12.88
C ASN B 55 28.78 -7.74 -12.72
N SER B 56 27.80 -7.16 -13.40
CA SER B 56 26.42 -7.61 -13.38
C SER B 56 26.15 -8.97 -13.99
N ARG B 57 26.84 -9.34 -15.08
CA ARG B 57 26.71 -10.68 -15.63
C ARG B 57 27.25 -11.71 -14.63
N PHE B 58 28.41 -11.42 -14.02
CA PHE B 58 28.93 -12.16 -12.90
C PHE B 58 27.90 -12.21 -11.77
N ALA B 59 27.36 -11.09 -11.34
CA ALA B 59 26.34 -11.03 -10.33
C ALA B 59 25.17 -11.98 -10.54
N THR B 60 24.46 -11.88 -11.67
CA THR B 60 23.31 -12.71 -11.94
C THR B 60 23.64 -14.17 -12.11
N THR B 61 24.66 -14.48 -12.94
CA THR B 61 25.12 -15.85 -13.11
C THR B 61 25.52 -16.49 -11.79
N PHE B 62 26.35 -15.81 -11.00
CA PHE B 62 26.70 -16.25 -9.65
C PHE B 62 25.45 -16.42 -8.80
N TYR B 63 24.54 -15.46 -8.77
CA TYR B 63 23.27 -15.55 -8.07
C TYR B 63 22.49 -16.83 -8.33
N GLN B 64 22.31 -17.22 -9.58
CA GLN B 64 21.69 -18.46 -9.98
C GLN B 64 22.30 -19.70 -9.38
N HIS B 65 23.63 -19.88 -9.39
CA HIS B 65 24.33 -21.01 -8.79
C HIS B 65 24.16 -21.08 -7.27
N LEU B 66 24.20 -19.91 -6.63
CA LEU B 66 23.97 -19.76 -5.22
C LEU B 66 22.52 -20.09 -4.88
N ALA B 67 21.57 -19.54 -5.65
CA ALA B 67 20.16 -19.83 -5.51
C ALA B 67 19.84 -21.30 -5.62
N ASP B 68 20.32 -21.94 -6.68
CA ASP B 68 20.18 -23.35 -6.97
C ASP B 68 20.78 -24.31 -5.97
N SER B 69 21.78 -23.92 -5.20
CA SER B 69 22.35 -24.64 -4.10
C SER B 69 21.69 -24.36 -2.76
N LYS B 70 20.68 -23.52 -2.66
CA LYS B 70 20.01 -23.22 -1.41
C LYS B 70 18.54 -23.62 -1.47
N ASN B 71 17.88 -23.63 -0.32
CA ASN B 71 16.43 -23.89 -0.32
C ASN B 71 15.79 -22.63 -0.91
N ASP B 72 14.67 -22.80 -1.62
CA ASP B 72 13.90 -21.73 -2.21
C ASP B 72 13.27 -20.74 -1.23
N ASN B 73 12.97 -21.19 -0.03
CA ASN B 73 12.41 -20.45 1.06
C ASN B 73 13.42 -19.87 2.04
N ASP B 74 14.70 -19.91 1.74
CA ASP B 74 15.73 -19.36 2.61
C ASP B 74 16.16 -17.98 2.12
N ASN B 75 16.77 -17.18 3.00
CA ASN B 75 17.25 -15.86 2.63
C ASN B 75 18.59 -15.97 1.91
N ILE B 76 18.78 -15.07 0.95
CA ILE B 76 20.04 -14.92 0.23
C ILE B 76 20.36 -13.41 0.25
N PHE B 77 21.59 -13.03 0.52
CA PHE B 77 21.99 -11.64 0.47
C PHE B 77 23.50 -11.51 0.29
N LEU B 78 23.92 -10.67 -0.65
CA LEU B 78 25.35 -10.52 -0.90
C LEU B 78 25.66 -9.21 -1.60
N SER B 79 26.95 -8.91 -1.67
CA SER B 79 27.46 -7.86 -2.53
C SER B 79 28.31 -8.56 -3.59
N PRO B 80 27.76 -8.65 -4.81
CA PRO B 80 28.48 -9.18 -5.95
C PRO B 80 29.63 -8.27 -6.32
N LEU B 81 29.48 -6.95 -6.20
CA LEU B 81 30.55 -5.99 -6.41
C LEU B 81 31.74 -6.28 -5.51
N SER B 82 31.49 -6.44 -4.21
CA SER B 82 32.48 -6.89 -3.24
C SER B 82 33.28 -8.08 -3.75
N ILE B 83 32.62 -9.21 -3.99
CA ILE B 83 33.22 -10.40 -4.57
C ILE B 83 34.13 -10.12 -5.76
N SER B 84 33.59 -9.49 -6.80
CA SER B 84 34.32 -9.02 -7.95
C SER B 84 35.59 -8.27 -7.62
N THR B 85 35.51 -7.26 -6.75
CA THR B 85 36.64 -6.51 -6.24
C THR B 85 37.67 -7.40 -5.57
N ALA B 86 37.23 -8.24 -4.62
CA ALA B 86 38.10 -9.17 -3.92
C ALA B 86 38.89 -10.07 -4.84
N PHE B 87 38.21 -10.71 -5.81
CA PHE B 87 38.83 -11.53 -6.82
C PHE B 87 39.56 -10.76 -7.89
N ALA B 88 39.26 -9.48 -8.12
CA ALA B 88 40.08 -8.63 -8.97
C ALA B 88 41.43 -8.34 -8.31
N MET B 89 41.45 -8.12 -6.99
CA MET B 89 42.68 -7.97 -6.23
C MET B 89 43.53 -9.24 -6.27
N THR B 90 42.87 -10.40 -6.10
CA THR B 90 43.47 -11.70 -6.26
C THR B 90 44.09 -11.91 -7.62
N LYS B 91 43.42 -11.50 -8.69
CA LYS B 91 43.95 -11.49 -10.03
C LYS B 91 45.23 -10.74 -10.29
N LEU B 92 45.67 -9.73 -9.54
CA LEU B 92 46.91 -9.05 -9.69
C LEU B 92 48.18 -9.89 -9.75
N GLY B 93 48.28 -10.99 -9.02
CA GLY B 93 49.39 -11.89 -9.09
C GLY B 93 49.10 -13.20 -9.77
N ALA B 94 47.97 -13.36 -10.47
CA ALA B 94 47.68 -14.62 -11.15
C ALA B 94 48.44 -14.73 -12.47
N CYS B 95 48.56 -15.97 -12.95
CA CYS B 95 49.24 -16.27 -14.19
C CYS B 95 48.66 -17.47 -14.92
N ASN B 96 48.90 -17.53 -16.22
CA ASN B 96 48.48 -18.63 -17.08
C ASN B 96 47.00 -18.92 -17.03
N ASP B 97 46.60 -20.19 -16.87
CA ASP B 97 45.22 -20.62 -16.82
C ASP B 97 44.42 -20.10 -15.64
N THR B 98 45.06 -19.87 -14.49
CA THR B 98 44.47 -19.23 -13.34
C THR B 98 44.13 -17.77 -13.64
N LEU B 99 45.01 -17.07 -14.36
CA LEU B 99 44.73 -15.76 -14.88
C LEU B 99 43.60 -15.76 -15.91
N GLN B 100 43.58 -16.72 -16.82
CA GLN B 100 42.53 -16.83 -17.83
C GLN B 100 41.17 -17.17 -17.22
N GLN B 101 41.16 -18.12 -16.27
CA GLN B 101 39.97 -18.51 -15.54
C GLN B 101 39.33 -17.37 -14.77
N LEU B 102 40.11 -16.60 -14.02
CA LEU B 102 39.65 -15.40 -13.34
C LEU B 102 39.06 -14.39 -14.32
N MET B 103 39.72 -14.15 -15.44
CA MET B 103 39.24 -13.33 -16.52
C MET B 103 37.90 -13.78 -17.10
N GLU B 104 37.74 -15.06 -17.42
CA GLU B 104 36.51 -15.58 -17.97
C GLU B 104 35.36 -15.70 -16.99
N VAL B 105 35.60 -16.02 -15.71
CA VAL B 105 34.54 -16.22 -14.74
C VAL B 105 33.90 -14.94 -14.25
N PHE B 106 34.69 -13.87 -14.14
CA PHE B 106 34.21 -12.58 -13.70
C PHE B 106 33.80 -11.68 -14.84
N LYS B 107 33.85 -12.19 -16.07
CA LYS B 107 33.52 -11.58 -17.31
C LYS B 107 34.38 -10.39 -17.68
N PHE B 108 35.65 -10.36 -17.26
CA PHE B 108 36.59 -9.30 -17.56
C PHE B 108 37.12 -9.35 -18.97
N ASP B 109 36.98 -10.48 -19.63
CA ASP B 109 37.25 -10.78 -21.00
C ASP B 109 36.12 -10.42 -21.96
N THR B 110 35.06 -9.79 -21.50
CA THR B 110 33.95 -9.27 -22.26
C THR B 110 34.15 -7.81 -22.65
N ILE B 111 35.19 -7.16 -22.12
CA ILE B 111 35.54 -5.80 -22.49
C ILE B 111 36.47 -5.85 -23.70
N SER B 112 36.42 -4.82 -24.55
CA SER B 112 37.23 -4.76 -25.74
C SER B 112 38.72 -4.88 -25.45
N GLU B 113 39.25 -4.04 -24.57
CA GLU B 113 40.66 -4.10 -24.20
C GLU B 113 41.06 -5.50 -23.76
N LYS B 114 41.87 -6.16 -24.58
CA LYS B 114 42.32 -7.51 -24.37
C LYS B 114 43.29 -7.69 -23.22
N THR B 115 44.13 -6.71 -22.96
CA THR B 115 45.08 -6.75 -21.86
C THR B 115 44.42 -6.88 -20.50
N SER B 116 44.94 -7.82 -19.71
CA SER B 116 44.50 -8.15 -18.37
C SER B 116 44.86 -7.11 -17.32
N ASP B 117 45.96 -6.42 -17.51
CA ASP B 117 46.47 -5.36 -16.67
C ASP B 117 45.65 -4.09 -16.70
N GLN B 118 44.93 -3.84 -17.80
CA GLN B 118 44.02 -2.76 -18.02
C GLN B 118 42.76 -2.85 -17.17
N ILE B 119 42.26 -4.03 -16.84
CA ILE B 119 41.09 -4.24 -16.00
C ILE B 119 41.11 -3.47 -14.69
N HIS B 120 42.17 -3.59 -13.91
CA HIS B 120 42.35 -2.91 -12.63
C HIS B 120 42.30 -1.40 -12.73
N PHE B 121 42.87 -0.80 -13.78
CA PHE B 121 42.76 0.61 -14.06
C PHE B 121 41.33 1.11 -14.12
N PHE B 122 40.45 0.45 -14.88
CA PHE B 122 39.04 0.79 -14.97
C PHE B 122 38.29 0.51 -13.69
N PHE B 123 38.65 -0.55 -12.95
CA PHE B 123 38.16 -0.85 -11.64
C PHE B 123 38.42 0.28 -10.65
N ALA B 124 39.60 0.90 -10.67
CA ALA B 124 39.90 2.11 -9.93
C ALA B 124 39.07 3.30 -10.39
N LYS B 125 38.85 3.46 -11.69
CA LYS B 125 37.95 4.49 -12.21
C LYS B 125 36.55 4.27 -11.60
N LEU B 126 36.01 3.07 -11.82
CA LEU B 126 34.73 2.65 -11.27
C LEU B 126 34.60 2.90 -9.78
N ASN B 127 35.58 2.47 -9.00
CA ASN B 127 35.65 2.71 -7.58
C ASN B 127 35.69 4.18 -7.22
N CYS B 128 36.47 5.01 -7.93
CA CYS B 128 36.47 6.45 -7.71
C CYS B 128 35.09 7.07 -7.91
N ARG B 129 34.40 6.75 -9.01
CA ARG B 129 33.04 7.20 -9.23
C ARG B 129 32.11 6.81 -8.07
N LEU B 130 32.12 5.55 -7.67
CA LEU B 130 31.32 5.02 -6.59
C LEU B 130 31.56 5.67 -5.24
N TYR B 131 32.77 5.57 -4.70
CA TYR B 131 33.10 5.99 -3.36
C TYR B 131 33.89 7.26 -3.16
N ARG B 132 34.27 7.99 -4.20
CA ARG B 132 35.08 9.19 -4.02
C ARG B 132 34.29 10.45 -4.36
N LYS B 133 33.19 10.62 -3.64
CA LYS B 133 32.34 11.79 -3.75
C LYS B 133 31.78 12.02 -2.33
N ALA B 134 31.34 10.89 -1.75
CA ALA B 134 30.67 10.85 -0.47
C ALA B 134 29.36 11.64 -0.56
N ASN B 135 28.55 11.38 -1.60
CA ASN B 135 27.35 12.12 -1.86
C ASN B 135 26.20 11.99 -0.90
N LYS B 136 25.80 13.15 -0.40
CA LYS B 136 24.77 13.43 0.54
C LYS B 136 23.63 12.48 0.74
N SER B 137 23.49 12.01 1.99
CA SER B 137 22.51 11.05 2.44
C SER B 137 22.65 9.69 1.78
N SER B 138 23.86 9.30 1.45
CA SER B 138 24.16 8.09 0.74
C SER B 138 25.61 7.73 1.03
N LYS B 139 25.81 7.37 2.30
CA LYS B 139 27.14 6.90 2.68
C LYS B 139 27.40 5.61 1.87
N LEU B 140 28.36 5.69 0.96
CA LEU B 140 28.74 4.51 0.20
C LEU B 140 30.26 4.41 0.22
N VAL B 141 30.81 3.76 1.25
CA VAL B 141 32.24 3.63 1.43
C VAL B 141 32.75 2.21 1.20
N SER B 142 34.06 2.09 0.90
CA SER B 142 34.72 0.82 0.67
C SER B 142 36.18 0.84 1.12
N ALA B 143 36.59 -0.30 1.68
CA ALA B 143 37.94 -0.45 2.21
C ALA B 143 38.50 -1.82 1.81
N ASN B 144 39.73 -1.84 1.33
CA ASN B 144 40.39 -3.07 0.88
C ASN B 144 41.70 -3.24 1.64
N ARG B 145 42.05 -4.47 2.01
CA ARG B 145 43.29 -4.70 2.72
C ARG B 145 43.87 -6.09 2.49
N LEU B 146 45.20 -6.17 2.43
CA LEU B 146 45.96 -7.40 2.30
C LEU B 146 46.65 -7.71 3.62
N PHE B 147 46.53 -8.96 4.06
CA PHE B 147 47.06 -9.40 5.35
C PHE B 147 48.06 -10.54 5.10
N GLY B 148 49.34 -10.22 5.05
CA GLY B 148 50.36 -11.19 4.69
C GLY B 148 51.14 -11.73 5.88
N ASP B 149 51.52 -13.00 5.80
CA ASP B 149 52.29 -13.59 6.90
C ASP B 149 53.45 -12.64 7.17
N LYS B 150 53.74 -12.42 8.44
CA LYS B 150 54.75 -11.55 8.97
C LYS B 150 56.21 -11.90 8.73
N SER B 151 56.56 -13.10 8.29
CA SER B 151 57.93 -13.47 8.05
C SER B 151 58.30 -13.48 6.58
N LEU B 152 57.33 -13.62 5.67
CA LEU B 152 57.58 -13.64 4.26
C LEU B 152 57.88 -12.26 3.67
N THR B 153 58.42 -12.27 2.46
CA THR B 153 58.76 -11.05 1.74
C THR B 153 57.90 -10.93 0.48
N PHE B 154 57.00 -9.96 0.49
CA PHE B 154 56.07 -9.79 -0.62
C PHE B 154 56.65 -9.02 -1.78
N ASN B 155 56.28 -9.42 -3.00
CA ASN B 155 56.74 -8.69 -4.19
C ASN B 155 56.35 -7.23 -3.97
N GLU B 156 57.29 -6.32 -4.20
CA GLU B 156 57.09 -4.89 -4.05
C GLU B 156 56.11 -4.31 -5.07
N THR B 157 56.22 -4.72 -6.32
CA THR B 157 55.35 -4.27 -7.41
C THR B 157 53.89 -4.62 -7.13
N TYR B 158 53.65 -5.86 -6.72
CA TYR B 158 52.37 -6.34 -6.24
C TYR B 158 51.77 -5.48 -5.14
N GLN B 159 52.54 -5.21 -4.09
CA GLN B 159 52.08 -4.39 -2.98
C GLN B 159 51.71 -2.96 -3.36
N ASP B 160 52.58 -2.31 -4.14
CA ASP B 160 52.38 -0.97 -4.65
C ASP B 160 51.18 -0.86 -5.56
N ILE B 161 50.98 -1.78 -6.49
CA ILE B 161 49.82 -1.80 -7.36
C ILE B 161 48.53 -2.05 -6.62
N SER B 162 48.50 -2.99 -5.69
CA SER B 162 47.36 -3.29 -4.85
C SER B 162 46.90 -2.10 -4.01
N GLU B 163 47.84 -1.35 -3.45
CA GLU B 163 47.59 -0.10 -2.75
C GLU B 163 47.17 0.99 -3.74
N LEU B 164 47.91 1.11 -4.84
CA LEU B 164 47.63 2.13 -5.84
C LEU B 164 46.26 1.99 -6.47
N VAL B 165 45.91 0.79 -6.92
CA VAL B 165 44.63 0.58 -7.58
C VAL B 165 43.47 0.42 -6.63
N TYR B 166 43.60 -0.44 -5.61
CA TYR B 166 42.51 -0.81 -4.73
C TYR B 166 42.48 -0.15 -3.37
N GLY B 167 43.50 0.68 -3.08
CA GLY B 167 43.68 1.33 -1.79
C GLY B 167 44.01 0.32 -0.71
N ALA B 168 44.74 -0.74 -1.05
CA ALA B 168 44.98 -1.87 -0.18
C ALA B 168 46.40 -1.94 0.34
N LYS B 169 46.57 -1.56 1.61
CA LYS B 169 47.88 -1.66 2.25
C LYS B 169 48.02 -3.10 2.76
N LEU B 170 49.26 -3.48 3.10
CA LEU B 170 49.54 -4.84 3.54
C LEU B 170 49.87 -4.91 5.02
N GLN B 171 48.91 -5.27 5.86
CA GLN B 171 49.13 -5.39 7.29
C GLN B 171 49.67 -6.76 7.67
N PRO B 172 50.89 -6.79 8.20
CA PRO B 172 51.56 -8.01 8.62
C PRO B 172 50.91 -8.63 9.84
N LEU B 173 50.65 -9.94 9.77
CA LEU B 173 50.08 -10.70 10.87
C LEU B 173 50.82 -12.03 10.99
N ASP B 174 51.13 -12.45 12.20
CA ASP B 174 51.82 -13.72 12.42
C ASP B 174 50.88 -14.88 12.13
N PHE B 175 50.85 -15.42 10.90
CA PHE B 175 49.97 -16.53 10.59
C PHE B 175 50.58 -17.85 11.08
N LYS B 176 51.90 -17.95 11.01
CA LYS B 176 52.64 -19.13 11.42
C LYS B 176 52.50 -19.52 12.87
N GLU B 177 52.59 -18.57 13.80
CA GLU B 177 52.47 -18.85 15.22
C GLU B 177 51.12 -18.51 15.80
N ASN B 178 50.45 -17.44 15.36
CA ASN B 178 49.19 -17.03 15.95
C ASN B 178 48.04 -16.95 14.96
N ALA B 179 47.68 -18.05 14.31
CA ALA B 179 46.62 -18.06 13.31
C ALA B 179 45.29 -17.53 13.81
N GLU B 180 44.79 -18.03 14.95
CA GLU B 180 43.54 -17.62 15.52
C GLU B 180 43.48 -16.17 15.97
N GLN B 181 44.57 -15.65 16.51
CA GLN B 181 44.72 -14.23 16.82
C GLN B 181 44.70 -13.37 15.56
N SER B 182 45.29 -13.86 14.47
CA SER B 182 45.29 -13.21 13.19
C SER B 182 43.91 -13.10 12.57
N ARG B 183 43.16 -14.21 12.58
CA ARG B 183 41.77 -14.27 12.14
C ARG B 183 40.90 -13.26 12.88
N ALA B 184 40.99 -13.23 14.21
CA ALA B 184 40.32 -12.25 15.04
C ALA B 184 40.69 -10.82 14.68
N ALA B 185 41.97 -10.53 14.44
CA ALA B 185 42.43 -9.25 13.93
C ALA B 185 41.80 -8.86 12.60
N ILE B 186 41.73 -9.76 11.63
CA ILE B 186 41.07 -9.51 10.36
C ILE B 186 39.57 -9.31 10.50
N ASN B 187 38.87 -10.08 11.32
CA ASN B 187 37.45 -9.89 11.55
C ASN B 187 37.15 -8.56 12.23
N LYS B 188 37.99 -8.11 13.14
CA LYS B 188 37.89 -6.83 13.81
C LYS B 188 38.17 -5.64 12.90
N TRP B 189 39.08 -5.80 11.94
CA TRP B 189 39.32 -4.80 10.90
C TRP B 189 38.09 -4.65 10.02
N VAL B 190 37.53 -5.78 9.58
CA VAL B 190 36.29 -5.82 8.84
C VAL B 190 35.11 -5.25 9.60
N SER B 191 34.99 -5.53 10.90
CA SER B 191 34.01 -4.91 11.76
C SER B 191 34.14 -3.40 11.83
N ASN B 192 35.35 -2.87 11.94
CA ASN B 192 35.61 -1.45 11.93
C ASN B 192 35.17 -0.73 10.66
N LYS B 193 35.37 -1.34 9.51
CA LYS B 193 34.98 -0.81 8.23
C LYS B 193 33.54 -1.00 7.84
N THR B 194 32.75 -1.78 8.58
CA THR B 194 31.37 -2.04 8.25
C THR B 194 30.42 -1.56 9.35
N GLU B 195 30.91 -0.77 10.30
CA GLU B 195 30.12 -0.24 11.39
C GLU B 195 29.57 -1.26 12.36
N GLY B 196 30.23 -2.39 12.60
CA GLY B 196 29.79 -3.47 13.43
C GLY B 196 28.85 -4.48 12.81
N ARG B 197 28.52 -4.34 11.53
CA ARG B 197 27.57 -5.20 10.85
C ARG B 197 28.20 -6.54 10.48
N ILE B 198 29.43 -6.51 9.99
CA ILE B 198 30.15 -7.71 9.59
C ILE B 198 31.23 -8.03 10.64
N THR B 199 30.98 -9.11 11.37
CA THR B 199 31.73 -9.45 12.57
C THR B 199 32.51 -10.75 12.50
N ASP B 200 32.21 -11.61 11.55
CA ASP B 200 32.84 -12.92 11.45
C ASP B 200 33.05 -13.35 10.01
N VAL B 201 33.59 -12.47 9.16
CA VAL B 201 33.79 -12.86 7.78
C VAL B 201 34.47 -14.23 7.71
N ILE B 202 35.69 -14.30 8.22
CA ILE B 202 36.42 -15.55 8.29
C ILE B 202 35.88 -16.41 9.44
N PRO B 203 35.43 -17.62 9.08
CA PRO B 203 34.93 -18.59 10.03
C PRO B 203 36.10 -19.23 10.79
N SER B 204 35.78 -19.90 11.89
CA SER B 204 36.79 -20.53 12.72
C SER B 204 37.55 -21.62 12.01
N GLU B 205 38.87 -21.66 12.23
CA GLU B 205 39.79 -22.59 11.63
C GLU B 205 39.96 -22.48 10.12
N ALA B 206 39.72 -21.33 9.50
CA ALA B 206 39.88 -21.15 8.07
C ALA B 206 41.33 -20.73 7.80
N ILE B 207 41.87 -20.05 8.82
CA ILE B 207 43.24 -19.60 8.84
C ILE B 207 44.07 -20.50 9.76
N ASN B 208 45.12 -21.08 9.17
CA ASN B 208 46.02 -21.92 9.93
C ASN B 208 47.45 -21.46 9.78
N GLU B 209 48.39 -22.29 10.23
CA GLU B 209 49.81 -22.09 10.19
C GLU B 209 50.47 -21.86 8.85
N LEU B 210 49.94 -22.44 7.77
CA LEU B 210 50.45 -22.28 6.42
C LEU B 210 49.82 -21.15 5.65
N THR B 211 48.94 -20.34 6.25
CA THR B 211 48.29 -19.26 5.55
C THR B 211 49.28 -18.17 5.19
N VAL B 212 49.45 -17.96 3.89
CA VAL B 212 50.38 -16.97 3.38
C VAL B 212 49.78 -15.58 3.33
N LEU B 213 48.54 -15.46 2.83
CA LEU B 213 47.92 -14.16 2.63
C LEU B 213 46.41 -14.20 2.58
N VAL B 214 45.76 -13.15 3.09
CA VAL B 214 44.31 -13.00 3.05
C VAL B 214 43.91 -11.69 2.36
N LEU B 215 43.27 -11.74 1.19
CA LEU B 215 42.80 -10.55 0.49
C LEU B 215 41.38 -10.19 0.87
N VAL B 216 41.16 -8.98 1.40
CA VAL B 216 39.87 -8.59 1.94
C VAL B 216 39.28 -7.34 1.27
N ASN B 217 37.98 -7.40 0.98
CA ASN B 217 37.19 -6.28 0.53
C ASN B 217 36.02 -6.07 1.48
N THR B 218 35.52 -4.85 1.61
CA THR B 218 34.36 -4.53 2.44
C THR B 218 33.59 -3.36 1.81
N ILE B 219 32.27 -3.37 1.81
CA ILE B 219 31.47 -2.25 1.33
C ILE B 219 30.42 -1.92 2.41
N TYR B 220 30.17 -0.64 2.62
CA TYR B 220 29.16 -0.19 3.57
C TYR B 220 28.22 0.83 2.93
N PHE B 221 26.92 0.56 3.08
CA PHE B 221 25.89 1.47 2.61
C PHE B 221 24.94 1.83 3.75
N LYS B 222 24.51 3.09 3.74
CA LYS B 222 23.48 3.60 4.62
C LYS B 222 22.75 4.71 3.87
N GLY B 223 21.50 4.46 3.52
CA GLY B 223 20.72 5.43 2.78
C GLY B 223 19.49 5.91 3.53
N LEU B 224 19.04 7.09 3.14
CA LEU B 224 17.80 7.67 3.63
C LEU B 224 16.77 7.59 2.50
N TRP B 225 15.54 7.21 2.80
CA TRP B 225 14.54 7.12 1.74
C TRP B 225 14.26 8.52 1.20
N LYS B 226 14.02 8.59 -0.11
CA LYS B 226 13.57 9.83 -0.74
C LYS B 226 12.15 10.09 -0.23
N SER B 227 11.27 9.09 -0.16
CA SER B 227 10.03 9.15 0.57
C SER B 227 9.97 8.07 1.66
N LYS B 228 10.07 8.49 2.91
CA LYS B 228 10.11 7.58 4.05
C LYS B 228 8.74 7.10 4.48
N PHE B 229 8.73 6.04 5.28
CA PHE B 229 7.50 5.52 5.85
C PHE B 229 7.42 6.12 7.26
N SER B 230 6.21 6.32 7.76
CA SER B 230 6.04 6.82 9.14
C SER B 230 5.75 5.63 10.03
N PRO B 231 6.42 5.56 11.19
CA PRO B 231 6.19 4.55 12.20
C PRO B 231 4.79 4.44 12.74
N GLU B 232 4.00 5.50 12.78
CA GLU B 232 2.58 5.55 12.99
C GLU B 232 1.77 4.58 12.14
N ASN B 233 2.04 4.45 10.84
CA ASN B 233 1.38 3.53 9.95
C ASN B 233 1.91 2.10 9.95
N THR B 234 3.04 1.86 10.59
CA THR B 234 3.58 0.50 10.66
C THR B 234 2.75 -0.38 11.59
N ARG B 235 2.42 -1.59 11.12
CA ARG B 235 1.66 -2.52 11.93
C ARG B 235 2.25 -3.92 11.94
N LYS B 236 2.06 -4.65 13.05
CA LYS B 236 2.55 -6.03 13.14
C LYS B 236 1.54 -6.99 12.53
N GLU B 237 1.99 -8.09 11.94
CA GLU B 237 1.11 -9.06 11.30
C GLU B 237 1.75 -10.44 11.21
N LEU B 238 0.95 -11.51 11.21
CA LEU B 238 1.49 -12.85 11.21
C LEU B 238 2.02 -13.31 9.85
N PHE B 239 3.22 -13.86 9.88
CA PHE B 239 3.85 -14.41 8.68
C PHE B 239 3.90 -15.92 8.78
N TYR B 240 3.39 -16.62 7.77
CA TYR B 240 3.31 -18.08 7.78
C TYR B 240 4.42 -18.75 6.99
N LYS B 241 5.32 -19.42 7.71
CA LYS B 241 6.45 -20.08 7.07
C LYS B 241 6.02 -21.25 6.21
N ALA B 242 6.90 -21.70 5.32
CA ALA B 242 6.68 -22.78 4.38
C ALA B 242 5.77 -23.90 4.88
N ASP B 243 6.18 -24.58 5.93
CA ASP B 243 5.38 -25.63 6.55
C ASP B 243 5.30 -25.32 8.05
N GLY B 244 6.27 -24.53 8.50
CA GLY B 244 6.38 -24.15 9.88
C GLY B 244 5.19 -23.38 10.43
N GLU B 245 5.37 -22.90 11.66
CA GLU B 245 4.37 -22.12 12.37
C GLU B 245 4.26 -20.71 11.78
N SER B 246 3.95 -19.77 12.65
CA SER B 246 3.78 -18.37 12.30
C SER B 246 4.80 -17.55 13.09
N CYS B 247 5.14 -16.36 12.63
CA CYS B 247 6.03 -15.48 13.35
C CYS B 247 5.54 -14.05 13.14
N SER B 248 6.06 -13.10 13.91
CA SER B 248 5.64 -11.71 13.79
C SER B 248 6.51 -10.94 12.80
N ALA B 249 5.89 -10.18 11.92
CA ALA B 249 6.62 -9.36 10.96
C ALA B 249 6.09 -7.93 11.00
N SER B 250 6.98 -6.94 11.04
CA SER B 250 6.53 -5.54 11.12
C SER B 250 6.35 -4.98 9.71
N MET B 251 5.12 -4.77 9.28
CA MET B 251 4.85 -4.25 7.95
C MET B 251 4.62 -2.74 7.94
N MET B 252 5.52 -2.05 7.24
CA MET B 252 5.41 -0.61 7.07
C MET B 252 4.44 -0.36 5.91
N TYR B 253 3.93 0.85 5.87
CA TYR B 253 2.96 1.25 4.85
C TYR B 253 3.29 2.64 4.36
N GLN B 254 2.95 2.95 3.11
CA GLN B 254 3.10 4.28 2.57
C GLN B 254 2.43 4.43 1.22
N GLU B 255 2.00 5.65 0.90
CA GLU B 255 1.36 5.94 -0.37
C GLU B 255 2.08 7.09 -1.08
N GLY B 256 2.54 6.85 -2.31
CA GLY B 256 3.24 7.90 -3.04
C GLY B 256 3.40 7.64 -4.53
N LYS B 257 4.23 8.45 -5.16
CA LYS B 257 4.55 8.33 -6.59
C LYS B 257 5.89 7.64 -6.78
N PHE B 258 5.85 6.39 -7.27
CA PHE B 258 7.01 5.51 -7.41
C PHE B 258 7.15 5.03 -8.85
N ARG B 259 8.37 4.82 -9.32
CA ARG B 259 8.56 4.27 -10.68
C ARG B 259 8.20 2.78 -10.61
N TYR B 260 7.10 2.42 -11.25
CA TYR B 260 6.57 1.05 -11.15
C TYR B 260 6.17 0.46 -12.50
N ARG B 261 6.14 -0.87 -12.55
CA ARG B 261 5.71 -1.62 -13.70
C ARG B 261 5.41 -3.08 -13.34
N ARG B 262 4.31 -3.59 -13.86
CA ARG B 262 3.95 -4.99 -13.69
C ARG B 262 4.29 -5.68 -15.01
N VAL B 263 5.31 -6.52 -14.99
CA VAL B 263 5.81 -7.11 -16.23
C VAL B 263 5.18 -8.45 -16.53
N ALA B 264 5.87 -9.34 -17.24
CA ALA B 264 5.26 -10.61 -17.61
C ALA B 264 4.88 -11.48 -16.44
N GLU B 265 3.70 -12.08 -16.54
CA GLU B 265 3.17 -13.02 -15.58
C GLU B 265 2.74 -12.45 -14.26
N GLY B 266 2.43 -11.16 -14.16
CA GLY B 266 2.06 -10.50 -12.93
C GLY B 266 3.24 -10.20 -12.00
N THR B 267 4.44 -10.18 -12.56
CA THR B 267 5.65 -9.92 -11.81
C THR B 267 5.71 -8.40 -11.57
N GLN B 268 5.78 -8.01 -10.31
CA GLN B 268 5.79 -6.60 -9.97
C GLN B 268 7.22 -6.11 -9.77
N VAL B 269 7.57 -4.99 -10.40
CA VAL B 269 8.89 -4.40 -10.26
C VAL B 269 8.72 -2.99 -9.66
N LEU B 270 9.26 -2.76 -8.47
CA LEU B 270 9.10 -1.46 -7.82
C LEU B 270 10.45 -0.85 -7.46
N GLU B 271 10.63 0.44 -7.76
CA GLU B 271 11.86 1.15 -7.43
C GLU B 271 11.65 2.16 -6.32
N LEU B 272 12.46 2.07 -5.28
CA LEU B 272 12.44 2.97 -4.14
C LEU B 272 13.78 3.72 -4.10
N PRO B 273 13.74 5.00 -4.47
CA PRO B 273 14.93 5.83 -4.54
C PRO B 273 15.43 6.31 -3.18
N PHE B 274 16.73 6.58 -3.14
CA PHE B 274 17.37 7.14 -1.96
C PHE B 274 17.66 8.62 -2.21
N LYS B 275 17.63 9.44 -1.15
CA LYS B 275 17.90 10.86 -1.29
C LYS B 275 19.11 11.11 -2.19
N GLY B 276 18.84 11.79 -3.30
CA GLY B 276 19.86 12.09 -4.28
C GLY B 276 19.57 11.39 -5.59
N ASP B 277 18.82 10.29 -5.56
CA ASP B 277 18.41 9.49 -6.68
C ASP B 277 19.45 8.66 -7.41
N ASP B 278 20.71 8.73 -7.06
CA ASP B 278 21.87 8.11 -7.61
C ASP B 278 21.93 6.65 -7.19
N ILE B 279 21.47 6.33 -5.97
CA ILE B 279 21.38 4.96 -5.51
C ILE B 279 19.92 4.58 -5.27
N THR B 280 19.45 3.45 -5.79
CA THR B 280 18.11 2.97 -5.52
C THR B 280 18.06 1.50 -5.07
N MET B 281 16.95 1.15 -4.41
CA MET B 281 16.60 -0.23 -4.14
C MET B 281 15.46 -0.64 -5.08
N VAL B 282 15.59 -1.81 -5.68
CA VAL B 282 14.62 -2.39 -6.61
C VAL B 282 14.08 -3.70 -6.03
N LEU B 283 12.76 -3.84 -6.03
CA LEU B 283 12.10 -5.04 -5.52
C LEU B 283 11.42 -5.80 -6.66
N ILE B 284 11.60 -7.11 -6.73
CA ILE B 284 10.94 -7.92 -7.75
C ILE B 284 10.08 -8.96 -7.03
N LEU B 285 8.77 -8.77 -7.08
CA LEU B 285 7.86 -9.73 -6.46
C LEU B 285 7.14 -10.55 -7.52
N PRO B 286 7.24 -11.88 -7.39
CA PRO B 286 6.54 -12.79 -8.28
C PRO B 286 5.04 -12.74 -8.00
N LYS B 287 4.24 -13.05 -9.01
CA LYS B 287 2.77 -13.06 -8.86
C LYS B 287 2.42 -13.70 -7.54
N PRO B 288 1.38 -13.21 -6.87
CA PRO B 288 0.93 -13.67 -5.58
C PRO B 288 1.09 -15.14 -5.25
N GLU B 289 0.67 -16.08 -6.09
CA GLU B 289 0.84 -17.49 -5.87
C GLU B 289 2.18 -18.05 -6.33
N LYS B 290 2.67 -17.64 -7.48
CA LYS B 290 3.88 -18.17 -8.09
C LYS B 290 5.17 -18.03 -7.32
N SER B 291 6.16 -18.86 -7.69
CA SER B 291 7.47 -18.85 -7.06
C SER B 291 8.46 -17.96 -7.80
N LEU B 292 9.60 -17.79 -7.15
CA LEU B 292 10.70 -16.97 -7.66
C LEU B 292 11.62 -17.73 -8.60
N ALA B 293 11.55 -19.05 -8.62
CA ALA B 293 12.29 -19.92 -9.48
C ALA B 293 12.36 -19.53 -10.94
N LYS B 294 11.27 -19.21 -11.61
CA LYS B 294 11.28 -18.76 -12.99
C LYS B 294 12.00 -17.45 -13.20
N VAL B 295 11.60 -16.41 -12.47
CA VAL B 295 12.28 -15.12 -12.52
C VAL B 295 13.77 -15.28 -12.30
N GLU B 296 14.19 -15.96 -11.25
CA GLU B 296 15.55 -16.32 -10.95
C GLU B 296 16.29 -17.13 -11.99
N LYS B 297 15.65 -18.14 -12.58
CA LYS B 297 16.23 -18.96 -13.62
C LYS B 297 16.46 -18.18 -14.92
N GLU B 298 15.58 -17.25 -15.25
CA GLU B 298 15.67 -16.41 -16.43
C GLU B 298 16.30 -15.05 -16.17
N LEU B 299 16.84 -14.84 -14.98
CA LEU B 299 17.47 -13.63 -14.54
C LEU B 299 18.81 -13.41 -15.22
N THR B 300 18.87 -12.40 -16.06
CA THR B 300 20.10 -11.95 -16.71
C THR B 300 20.12 -10.43 -16.52
N PRO B 301 21.27 -9.80 -16.78
CA PRO B 301 21.40 -8.36 -16.74
C PRO B 301 20.45 -7.63 -17.70
N GLU B 302 20.30 -8.14 -18.91
CA GLU B 302 19.44 -7.67 -19.96
C GLU B 302 17.95 -7.71 -19.64
N VAL B 303 17.48 -8.77 -19.02
CA VAL B 303 16.13 -8.89 -18.48
C VAL B 303 15.83 -7.76 -17.50
N LEU B 304 16.72 -7.54 -16.54
CA LEU B 304 16.65 -6.49 -15.56
C LEU B 304 16.64 -5.09 -16.14
N GLN B 305 17.50 -4.83 -17.13
CA GLN B 305 17.52 -3.57 -17.85
C GLN B 305 16.24 -3.32 -18.63
N GLU B 306 15.66 -4.35 -19.24
CA GLU B 306 14.36 -4.26 -19.89
C GLU B 306 13.27 -3.82 -18.92
N TRP B 307 13.17 -4.48 -17.77
CA TRP B 307 12.25 -4.12 -16.71
C TRP B 307 12.38 -2.68 -16.25
N LEU B 308 13.59 -2.21 -15.95
CA LEU B 308 13.85 -0.82 -15.62
C LEU B 308 13.39 0.16 -16.68
N ASP B 309 13.61 -0.12 -17.96
CA ASP B 309 13.13 0.63 -19.09
C ASP B 309 11.63 0.71 -19.23
N GLU B 310 10.87 -0.28 -18.79
CA GLU B 310 9.42 -0.28 -18.77
C GLU B 310 8.81 0.43 -17.58
N LEU B 311 9.59 0.79 -16.56
CA LEU B 311 9.12 1.48 -15.38
C LEU B 311 8.58 2.88 -15.71
N GLU B 312 7.42 3.17 -15.15
CA GLU B 312 6.77 4.47 -15.25
C GLU B 312 6.39 4.96 -13.85
N GLU B 313 6.40 6.27 -13.67
CA GLU B 313 6.00 6.85 -12.38
C GLU B 313 4.52 6.59 -12.17
N MET B 314 4.10 6.31 -10.93
CA MET B 314 2.70 5.98 -10.67
C MET B 314 2.36 6.07 -9.20
N MET B 315 1.12 6.44 -8.90
CA MET B 315 0.66 6.50 -7.52
C MET B 315 0.36 5.08 -7.06
N LEU B 316 0.90 4.72 -5.91
CA LEU B 316 0.71 3.36 -5.43
C LEU B 316 0.85 3.25 -3.92
N VAL B 317 0.33 2.16 -3.38
CA VAL B 317 0.48 1.89 -1.95
C VAL B 317 1.55 0.80 -1.82
N VAL B 318 2.53 1.08 -0.98
CA VAL B 318 3.64 0.18 -0.73
C VAL B 318 3.53 -0.46 0.66
N HIS B 319 3.42 -1.78 0.66
CA HIS B 319 3.46 -2.50 1.93
C HIS B 319 4.81 -3.25 1.93
N MET B 320 5.73 -2.80 2.79
CA MET B 320 7.02 -3.47 2.91
C MET B 320 7.45 -3.59 4.35
N PRO B 321 8.02 -4.76 4.70
CA PRO B 321 8.44 -5.05 6.04
C PRO B 321 9.66 -4.28 6.52
N ARG B 322 9.69 -4.07 7.83
CA ARG B 322 10.81 -3.48 8.58
C ARG B 322 11.57 -4.68 9.16
N PHE B 323 12.77 -4.92 8.65
CA PHE B 323 13.50 -6.15 8.93
C PHE B 323 15.01 -6.05 8.75
N ARG B 324 15.64 -7.18 9.11
CA ARG B 324 17.06 -7.38 8.88
C ARG B 324 17.34 -8.82 8.49
N ILE B 325 18.33 -9.01 7.63
CA ILE B 325 18.76 -10.33 7.19
C ILE B 325 20.29 -10.34 7.02
N GLU B 326 20.91 -11.36 7.59
CA GLU B 326 22.35 -11.57 7.46
C GLU B 326 22.60 -12.87 6.70
N ASP B 327 23.68 -12.95 5.93
CA ASP B 327 23.98 -14.17 5.18
C ASP B 327 25.48 -14.37 5.05
N GLY B 328 25.97 -15.55 5.42
CA GLY B 328 27.39 -15.85 5.40
C GLY B 328 27.67 -17.21 4.77
N PHE B 329 28.69 -17.29 3.92
CA PHE B 329 28.97 -18.50 3.17
C PHE B 329 30.34 -18.53 2.50
N SER B 330 30.74 -19.75 2.12
CA SER B 330 31.95 -19.95 1.32
C SER B 330 31.57 -19.80 -0.15
N LEU B 331 32.51 -19.37 -0.97
CA LEU B 331 32.23 -19.16 -2.39
C LEU B 331 32.89 -20.24 -3.25
N LYS B 332 33.63 -21.15 -2.64
CA LYS B 332 34.38 -22.17 -3.34
C LYS B 332 33.56 -23.03 -4.28
N GLU B 333 32.49 -23.65 -3.78
CA GLU B 333 31.62 -24.49 -4.56
C GLU B 333 31.13 -23.84 -5.86
N GLN B 334 30.47 -22.70 -5.74
CA GLN B 334 29.86 -21.99 -6.83
C GLN B 334 30.80 -21.52 -7.91
N LEU B 335 31.92 -20.90 -7.53
CA LEU B 335 32.95 -20.45 -8.44
C LEU B 335 33.65 -21.59 -9.17
N GLN B 336 33.88 -22.71 -8.49
CA GLN B 336 34.42 -23.92 -9.10
C GLN B 336 33.51 -24.39 -10.23
N ASP B 337 32.21 -24.52 -9.95
CA ASP B 337 31.17 -24.80 -10.91
C ASP B 337 31.06 -23.85 -12.08
N MET B 338 31.32 -22.57 -11.88
CA MET B 338 31.36 -21.52 -12.87
C MET B 338 32.62 -21.47 -13.72
N GLY B 339 33.66 -22.24 -13.43
CA GLY B 339 34.84 -22.34 -14.26
C GLY B 339 36.14 -21.99 -13.55
N LEU B 340 36.05 -21.58 -12.30
CA LEU B 340 37.21 -21.19 -11.50
C LEU B 340 37.74 -22.42 -10.76
N VAL B 341 38.56 -23.21 -11.43
CA VAL B 341 39.09 -24.46 -10.90
C VAL B 341 40.54 -24.37 -10.49
N ASP B 342 41.39 -23.74 -11.30
CA ASP B 342 42.82 -23.68 -11.07
C ASP B 342 43.23 -22.98 -9.82
N LEU B 343 42.63 -21.82 -9.53
CA LEU B 343 42.86 -21.03 -8.34
C LEU B 343 42.77 -21.76 -7.02
N PHE B 344 41.83 -22.69 -6.86
CA PHE B 344 41.66 -23.51 -5.70
C PHE B 344 42.46 -24.80 -5.69
N SER B 345 43.20 -25.15 -6.73
CA SER B 345 43.97 -26.38 -6.71
C SER B 345 45.42 -26.14 -6.33
N PRO B 346 45.85 -26.78 -5.24
CA PRO B 346 47.22 -26.71 -4.77
C PRO B 346 48.22 -27.06 -5.85
N GLU B 347 48.00 -28.18 -6.53
CA GLU B 347 48.72 -28.63 -7.69
C GLU B 347 48.74 -27.67 -8.86
N LYS B 348 47.62 -27.11 -9.33
CA LYS B 348 47.60 -26.31 -10.54
C LYS B 348 47.49 -24.81 -10.41
N SER B 349 47.17 -24.31 -9.23
CA SER B 349 47.02 -22.87 -9.01
C SER B 349 48.31 -22.12 -9.31
N LYS B 350 48.17 -21.03 -10.06
CA LYS B 350 49.32 -20.20 -10.42
C LYS B 350 49.12 -18.78 -9.96
N LEU B 351 49.87 -18.41 -8.93
CA LEU B 351 49.89 -17.07 -8.37
C LEU B 351 51.33 -16.67 -8.02
N PRO B 352 52.15 -16.43 -9.04
CA PRO B 352 53.55 -16.09 -8.86
C PRO B 352 53.86 -14.63 -8.62
N GLY B 353 52.90 -13.71 -8.78
CA GLY B 353 53.13 -12.32 -8.56
C GLY B 353 53.08 -11.79 -7.15
N ILE B 354 52.73 -12.58 -6.16
CA ILE B 354 52.59 -12.19 -4.77
C ILE B 354 53.84 -12.16 -3.92
N VAL B 355 54.51 -13.29 -3.74
CA VAL B 355 55.68 -13.41 -2.88
C VAL B 355 57.00 -13.24 -3.62
N ALA B 356 57.95 -12.52 -2.99
CA ALA B 356 59.26 -12.33 -3.59
C ALA B 356 59.80 -13.66 -4.12
N GLU B 357 60.38 -13.59 -5.31
CA GLU B 357 60.96 -14.72 -6.00
C GLU B 357 59.89 -15.50 -6.76
N GLY B 358 58.86 -14.81 -7.26
CA GLY B 358 57.78 -15.46 -7.96
C GLY B 358 57.40 -16.82 -7.38
N ARG B 359 56.77 -16.85 -6.21
CA ARG B 359 56.44 -18.11 -5.56
C ARG B 359 55.20 -18.78 -6.15
N ASP B 360 55.34 -20.08 -6.44
CA ASP B 360 54.36 -20.84 -7.18
C ASP B 360 53.44 -21.77 -6.46
N ASP B 361 53.74 -22.15 -5.22
CA ASP B 361 52.96 -23.07 -4.44
C ASP B 361 51.69 -22.55 -3.79
N LEU B 362 51.36 -21.28 -3.96
CA LEU B 362 50.17 -20.65 -3.47
C LEU B 362 48.92 -21.00 -4.30
N TYR B 363 47.84 -21.20 -3.57
CA TYR B 363 46.53 -21.50 -4.09
C TYR B 363 45.53 -20.94 -3.08
N VAL B 364 44.29 -20.76 -3.47
CA VAL B 364 43.25 -20.28 -2.54
C VAL B 364 42.62 -21.49 -1.86
N SER B 365 42.60 -21.49 -0.54
CA SER B 365 42.03 -22.62 0.18
C SER B 365 40.51 -22.44 0.22
N ASP B 366 40.10 -21.22 0.55
CA ASP B 366 38.69 -20.89 0.54
C ASP B 366 38.52 -19.38 0.44
N ALA B 367 37.29 -18.97 0.14
CA ALA B 367 36.95 -17.56 0.06
C ALA B 367 35.58 -17.39 0.73
N PHE B 368 35.45 -16.37 1.58
CA PHE B 368 34.25 -16.18 2.38
C PHE B 368 33.54 -14.87 2.09
N HIS B 369 32.23 -14.85 2.31
CA HIS B 369 31.39 -13.68 2.11
C HIS B 369 30.38 -13.57 3.24
N LYS B 370 30.18 -12.35 3.73
CA LYS B 370 29.22 -12.13 4.82
C LYS B 370 28.53 -10.80 4.54
N ALA B 371 27.21 -10.83 4.43
CA ALA B 371 26.46 -9.63 4.07
C ALA B 371 25.33 -9.39 5.07
N PHE B 372 25.01 -8.11 5.26
CA PHE B 372 23.98 -7.69 6.19
C PHE B 372 23.05 -6.69 5.48
N LEU B 373 21.76 -6.81 5.75
CA LEU B 373 20.79 -5.87 5.21
C LEU B 373 19.75 -5.48 6.26
N GLU B 374 19.47 -4.19 6.43
CA GLU B 374 18.48 -3.73 7.39
C GLU B 374 17.63 -2.65 6.74
N VAL B 375 16.31 -2.85 6.78
CA VAL B 375 15.36 -1.94 6.16
C VAL B 375 14.38 -1.46 7.24
N ASN B 376 14.18 -0.15 7.27
CA ASN B 376 13.23 0.44 8.19
C ASN B 376 12.59 1.68 7.61
N GLU B 377 11.87 2.42 8.46
CA GLU B 377 11.08 3.58 8.09
C GLU B 377 11.87 4.75 7.54
N GLU B 378 13.09 4.97 8.01
CA GLU B 378 13.97 6.05 7.63
C GLU B 378 14.86 5.73 6.44
N GLY B 379 15.06 4.46 6.12
CA GLY B 379 15.87 4.10 4.97
C GLY B 379 16.35 2.66 5.03
N SER B 380 17.53 2.46 4.45
CA SER B 380 18.13 1.13 4.40
C SER B 380 19.63 1.19 4.63
N GLU B 381 20.19 0.11 5.17
CA GLU B 381 21.61 0.07 5.49
C GLU B 381 22.16 -1.32 5.16
N ALA B 382 23.13 -1.37 4.27
CA ALA B 382 23.73 -2.65 3.88
C ALA B 382 25.23 -2.69 4.14
N ALA B 383 25.76 -3.89 4.35
CA ALA B 383 27.19 -4.09 4.55
C ALA B 383 27.58 -5.47 4.05
N ALA B 384 28.84 -5.62 3.63
CA ALA B 384 29.31 -6.91 3.12
C ALA B 384 30.83 -7.01 3.12
N SER B 385 31.36 -8.23 3.17
CA SER B 385 32.80 -8.41 3.11
C SER B 385 33.21 -9.67 2.38
N THR B 386 34.21 -9.58 1.51
CA THR B 386 34.71 -10.78 0.83
C THR B 386 36.15 -11.03 1.27
N ALA B 387 36.52 -12.30 1.43
CA ALA B 387 37.88 -12.56 1.90
C ALA B 387 38.47 -13.82 1.31
N VAL B 388 39.48 -13.63 0.45
CA VAL B 388 40.19 -14.76 -0.14
C VAL B 388 41.40 -15.17 0.69
N VAL B 389 41.33 -16.38 1.25
CA VAL B 389 42.39 -16.96 2.05
C VAL B 389 43.34 -17.79 1.19
N ILE B 390 44.60 -17.37 1.11
CA ILE B 390 45.61 -18.13 0.39
C ILE B 390 46.23 -19.16 1.33
N ALA B 391 46.31 -20.40 0.89
CA ALA B 391 46.89 -21.51 1.61
C ALA B 391 46.42 -21.79 3.01
N GLY B 392 45.17 -21.62 3.38
CA GLY B 392 44.72 -21.97 4.74
C GLY B 392 44.18 -23.40 4.70
N ARG B 393 43.14 -23.68 5.49
CA ARG B 393 42.47 -24.97 5.37
C ARG B 393 41.12 -24.82 4.69
N SER B 394 40.77 -25.76 3.82
CA SER B 394 39.48 -25.73 3.14
C SER B 394 38.47 -26.50 3.98
N LEU B 395 37.40 -25.83 4.42
CA LEU B 395 36.43 -26.49 5.29
C LEU B 395 35.11 -26.75 4.60
N ASN B 396 34.09 -27.11 5.37
CA ASN B 396 32.76 -27.37 4.84
C ASN B 396 31.84 -26.19 5.13
N PRO B 397 31.04 -25.82 4.14
CA PRO B 397 30.11 -24.70 4.27
C PRO B 397 29.06 -24.99 5.34
N ASN B 398 29.16 -24.29 6.47
CA ASN B 398 28.22 -24.47 7.57
C ASN B 398 26.91 -23.76 7.22
N ARG B 399 25.92 -24.53 6.77
CA ARG B 399 24.65 -23.98 6.33
C ARG B 399 23.66 -23.80 7.46
N VAL B 400 23.25 -22.54 7.69
CA VAL B 400 22.22 -22.21 8.67
C VAL B 400 20.91 -21.91 7.92
N THR B 401 20.32 -22.97 7.37
CA THR B 401 19.13 -22.92 6.56
C THR B 401 17.90 -22.47 7.35
N PHE B 402 17.49 -21.22 7.12
CA PHE B 402 16.34 -20.65 7.80
C PHE B 402 15.18 -20.42 6.82
N LYS B 403 14.26 -21.38 6.82
CA LYS B 403 13.15 -21.39 5.91
C LYS B 403 11.92 -20.61 6.38
N ALA B 404 11.38 -19.89 5.39
CA ALA B 404 10.15 -19.12 5.54
C ALA B 404 9.39 -19.21 4.22
N ASN B 405 8.63 -18.20 3.81
CA ASN B 405 7.83 -18.31 2.60
C ASN B 405 7.74 -17.04 1.79
N ARG B 406 7.05 -17.14 0.65
CA ARG B 406 6.76 -16.08 -0.29
C ARG B 406 7.84 -15.03 -0.43
N PRO B 407 9.00 -15.43 -0.99
CA PRO B 407 10.15 -14.56 -1.08
C PRO B 407 10.02 -13.54 -2.20
N PHE B 408 10.83 -12.49 -2.13
CA PHE B 408 10.92 -11.47 -3.15
C PHE B 408 12.37 -11.06 -3.38
N LEU B 409 12.72 -10.48 -4.53
CA LEU B 409 14.09 -10.09 -4.80
C LEU B 409 14.40 -8.64 -4.43
N VAL B 410 15.62 -8.40 -3.96
CA VAL B 410 16.06 -7.06 -3.56
C VAL B 410 17.35 -6.73 -4.31
N PHE B 411 17.45 -5.52 -4.85
CA PHE B 411 18.66 -5.06 -5.51
C PHE B 411 19.00 -3.63 -5.07
N ILE B 412 20.20 -3.38 -4.57
CA ILE B 412 20.60 -2.01 -4.27
C ILE B 412 21.58 -1.58 -5.35
N ARG B 413 21.20 -0.62 -6.19
CA ARG B 413 22.05 -0.26 -7.31
C ARG B 413 22.44 1.21 -7.37
N GLU B 414 23.52 1.46 -8.11
CA GLU B 414 24.00 2.82 -8.38
C GLU B 414 23.55 3.13 -9.81
N VAL B 415 22.67 4.12 -9.97
CA VAL B 415 22.01 4.44 -11.21
C VAL B 415 22.88 4.88 -12.36
N PRO B 416 23.62 5.98 -12.16
CA PRO B 416 24.51 6.50 -13.18
C PRO B 416 25.61 5.56 -13.60
N LEU B 417 26.19 4.79 -12.68
CA LEU B 417 27.23 3.82 -12.96
C LEU B 417 26.81 2.43 -13.31
N ASN B 418 25.53 2.14 -13.52
CA ASN B 418 25.05 0.81 -13.90
C ASN B 418 25.68 -0.28 -13.08
N THR B 419 25.56 -0.23 -11.74
CA THR B 419 26.26 -1.12 -10.84
C THR B 419 25.35 -1.78 -9.81
N ILE B 420 25.50 -3.08 -9.64
CA ILE B 420 24.82 -3.81 -8.59
C ILE B 420 25.76 -3.88 -7.38
N ILE B 421 25.38 -3.15 -6.33
CA ILE B 421 26.17 -3.11 -5.10
C ILE B 421 25.81 -4.30 -4.23
N PHE B 422 24.52 -4.40 -3.87
CA PHE B 422 23.98 -5.48 -3.06
C PHE B 422 22.87 -6.17 -3.86
N MET B 423 22.58 -7.41 -3.50
CA MET B 423 21.58 -8.20 -4.22
C MET B 423 21.12 -9.38 -3.37
N GLY B 424 19.86 -9.79 -3.51
CA GLY B 424 19.41 -10.94 -2.74
C GLY B 424 17.93 -11.20 -2.67
N ARG B 425 17.58 -12.18 -1.84
CA ARG B 425 16.22 -12.65 -1.68
C ARG B 425 15.82 -12.65 -0.19
N VAL B 426 14.74 -11.95 0.09
CA VAL B 426 14.20 -11.85 1.45
C VAL B 426 13.03 -12.83 1.55
N ALA B 427 13.24 -13.94 2.25
CA ALA B 427 12.15 -14.91 2.41
C ALA B 427 11.55 -14.83 3.80
N ASN B 428 12.33 -14.36 4.77
CA ASN B 428 11.86 -14.26 6.14
C ASN B 428 11.99 -12.84 6.66
N PRO B 429 10.82 -12.20 6.85
CA PRO B 429 10.74 -10.85 7.38
C PRO B 429 10.51 -10.77 8.89
N CYS B 430 10.61 -11.89 9.59
CA CYS B 430 10.41 -11.95 11.02
C CYS B 430 11.68 -11.63 11.80
N VAL B 431 11.45 -11.27 13.06
CA VAL B 431 12.51 -10.84 13.96
C VAL B 431 12.93 -11.92 14.95
N LYS B 432 13.98 -12.66 14.61
CA LYS B 432 14.53 -13.69 15.48
C LYS B 432 15.82 -13.23 16.15
C1 NAG C . -54.85 22.17 16.42
C2 NAG C . -56.33 22.49 16.54
C3 NAG C . -56.50 23.73 17.39
C4 NAG C . -55.74 23.65 18.74
C5 NAG C . -54.31 23.11 18.52
C6 NAG C . -53.68 22.67 19.84
C7 NAG C . -57.83 21.94 14.63
C8 NAG C . -58.31 22.40 13.30
N2 NAG C . -56.90 22.75 15.21
O3 NAG C . -57.90 23.91 17.64
O4 NAG C . -55.75 24.97 19.30
O5 NAG C . -54.35 21.92 17.75
O6 NAG C . -52.33 22.41 19.74
O7 NAG C . -58.20 20.98 15.14
C1 NAG C . -55.88 25.11 20.65
C2 NAG C . -55.07 26.30 21.14
C3 NAG C . -55.01 26.21 22.66
C4 NAG C . -56.45 26.07 23.19
C5 NAG C . -57.37 25.10 22.42
C6 NAG C . -58.82 25.24 22.78
C7 NAG C . -53.29 27.25 19.67
C8 NAG C . -52.16 26.86 18.80
N2 NAG C . -53.71 26.30 20.56
O3 NAG C . -54.41 27.39 23.17
O4 NAG C . -56.40 25.61 24.56
O5 NAG C . -57.25 25.32 21.03
O6 NAG C . -59.67 25.33 21.70
O7 NAG C . -53.80 28.28 19.62
C1 NAG D . -45.06 33.21 13.28
C2 NAG D . -46.01 34.17 12.59
C3 NAG D . -46.42 35.27 13.54
C4 NAG D . -46.86 34.72 14.90
C5 NAG D . -46.21 33.45 15.42
C6 NAG D . -47.35 32.57 15.95
C7 NAG D . -45.96 35.24 10.32
C8 NAG D . -45.09 35.71 9.21
N2 NAG D . -45.34 34.82 11.45
O3 NAG D . -47.61 35.85 12.98
O4 NAG D . -46.87 35.78 15.86
O5 NAG D . -45.62 32.64 14.46
O6 NAG D . -47.32 32.44 17.33
O7 NAG D . -47.09 35.22 10.24
C1 NAG D . -48.08 35.97 16.51
C2 NAG D . -47.81 36.28 17.97
C3 NAG D . -49.16 36.30 18.66
C4 NAG D . -50.08 37.34 17.96
C5 NAG D . -50.10 37.15 16.42
C6 NAG D . -50.70 38.39 15.77
C7 NAG D . -45.76 35.54 19.19
C8 NAG D . -45.19 34.44 20.00
N2 NAG D . -46.95 35.25 18.59
O3 NAG D . -48.93 36.71 20.01
O4 NAG D . -51.46 37.30 18.34
O5 NAG D . -48.78 37.06 15.92
O6 NAG D . -49.72 39.24 15.27
O7 NAG D . -45.26 36.56 19.06
C1 BMA D . -51.80 37.93 19.55
C2 BMA D . -53.17 38.61 19.41
C3 BMA D . -53.69 38.96 20.80
C4 BMA D . -53.59 37.83 21.79
C5 BMA D . -52.13 37.33 21.84
C6 BMA D . -51.90 36.17 22.79
O2 BMA D . -54.10 37.82 18.69
O3 BMA D . -55.04 39.44 20.66
O4 BMA D . -54.03 38.19 23.08
O5 BMA D . -51.81 36.90 20.53
O6 BMA D . -50.52 36.06 23.06
C1 NAG E . 57.73 -8.60 -8.75
C2 NAG E . 58.98 -9.32 -9.17
C3 NAG E . 59.61 -8.66 -10.36
C4 NAG E . 58.56 -8.36 -11.47
C5 NAG E . 57.28 -7.74 -10.87
C6 NAG E . 56.16 -7.66 -11.89
C7 NAG E . 60.29 -10.47 -7.39
C8 NAG E . 61.54 -10.39 -6.59
N2 NAG E . 59.97 -9.33 -8.05
O3 NAG E . 60.60 -9.55 -10.89
O4 NAG E . 59.10 -7.46 -12.45
O5 NAG E . 56.80 -8.60 -9.85
O6 NAG E . 54.94 -7.37 -11.31
O7 NAG E . 59.64 -11.40 -7.45
C1 NAG E . 59.20 -8.00 -13.74
C2 NAG E . 59.04 -6.88 -14.75
C3 NAG E . 59.67 -7.23 -16.07
C4 NAG E . 59.99 -8.72 -16.23
C5 NAG E . 60.69 -9.34 -15.01
C6 NAG E . 62.18 -9.50 -15.29
C7 NAG E . 56.63 -7.00 -15.45
C8 NAG E . 55.57 -6.13 -16.04
N2 NAG E . 57.68 -6.36 -14.88
O3 NAG E . 60.90 -6.47 -16.17
O4 NAG E . 58.82 -9.49 -16.53
O5 NAG E . 60.54 -8.52 -13.88
O6 NAG E . 62.56 -10.76 -15.67
O7 NAG E . 56.59 -8.14 -15.44
C1 NAG F . 37.06 2.40 13.31
C2 NAG F . 35.83 2.76 14.13
C3 NAG F . 35.63 4.26 14.07
C4 NAG F . 36.90 4.99 14.57
C5 NAG F . 38.20 4.39 13.97
C6 NAG F . 39.39 4.79 14.83
C7 NAG F . 34.00 1.12 14.39
C8 NAG F . 32.70 0.65 13.83
N2 NAG F . 34.62 2.07 13.65
O3 NAG F . 34.54 4.58 14.94
O4 NAG F . 36.90 6.37 14.19
O5 NAG F . 38.20 2.99 13.96
O6 NAG F . 40.59 4.33 14.35
O7 NAG F . 34.44 0.70 15.36
C1 NAG F . 36.59 7.27 15.25
C2 NAG F . 37.68 8.34 15.26
C3 NAG F . 37.25 9.53 16.09
C4 NAG F . 35.91 10.02 15.47
C5 NAG F . 34.84 8.92 15.65
C6 NAG F . 33.52 9.35 15.05
C7 NAG F . 40.16 8.21 15.35
C8 NAG F . 41.32 7.60 16.03
N2 NAG F . 38.94 7.81 15.80
O3 NAG F . 38.21 10.57 15.94
O4 NAG F . 35.51 11.27 16.02
O5 NAG F . 35.29 7.81 14.94
O6 NAG F . 32.72 8.29 14.67
O7 NAG F . 40.27 9.00 14.53
O5 GUP F . 36.99 12.83 15.27
C1 GUP F . 35.64 12.37 15.14
C2 GUP F . 34.69 13.49 15.63
O2 GUP F . 34.87 13.70 17.02
C3 GUP F . 34.94 14.81 14.90
O3 GUP F . 34.29 15.83 15.66
C4 GUP F . 36.42 15.10 14.78
O4 GUP F . 36.71 16.20 13.96
C5 GUP F . 37.16 13.83 14.26
C6 GUP F . 38.51 13.93 13.70
O6 GUP F . 39.62 13.18 14.07
C1 MAN F . 40.81 13.55 13.43
C2 MAN F . 41.86 12.41 13.40
C3 MAN F . 43.17 13.14 13.11
C4 MAN F . 42.90 14.43 12.37
C5 MAN F . 42.28 15.39 13.42
C6 MAN F . 41.49 16.55 12.87
O2 MAN F . 41.55 11.16 13.02
O3 MAN F . 44.11 12.29 12.46
O4 MAN F . 44.02 15.01 11.77
O5 MAN F . 41.40 14.59 14.23
O6 MAN F . 40.22 16.63 13.48
C1 NAG F . 41.64 10.60 11.78
C2 NAG F . 41.97 9.13 11.85
C3 NAG F . 41.26 8.16 10.94
C4 NAG F . 40.08 8.78 10.16
C5 NAG F . 40.38 10.23 9.79
C6 NAG F . 39.29 10.99 9.07
C7 NAG F . 44.25 8.87 12.82
C8 NAG F . 45.69 8.72 12.51
N2 NAG F . 43.43 8.92 11.74
O3 NAG F . 40.77 7.08 11.73
O4 NAG F . 39.29 7.95 9.38
O5 NAG F . 40.47 10.92 11.03
O6 NAG F . 39.33 12.36 9.34
O7 NAG F . 43.80 8.92 13.87
C1 GAL F . 39.59 7.53 8.11
C2 GAL F . 39.08 6.10 7.91
C3 GAL F . 39.28 5.76 6.59
C4 GAL F . 38.65 6.74 5.49
C5 GAL F . 39.22 8.11 5.82
C6 GAL F . 38.63 9.23 5.00
O2 GAL F . 39.84 5.21 8.71
O3 GAL F . 38.76 4.41 6.18
O4 GAL F . 37.23 6.73 5.66
O5 GAL F . 38.90 8.40 7.19
O6 GAL F . 39.60 9.74 4.08
C1 MAN F . 33.16 16.43 15.11
C2 MAN F . 33.08 17.90 15.53
C3 MAN F . 32.45 18.06 16.92
C4 MAN F . 31.11 17.36 16.96
C5 MAN F . 31.42 15.86 16.74
C6 MAN F . 30.21 14.95 16.82
O2 MAN F . 32.40 18.72 14.62
O3 MAN F . 32.31 19.45 17.19
O4 MAN F . 30.41 17.55 18.17
O5 MAN F . 32.03 15.70 15.46
O6 MAN F . 29.08 15.63 16.37
C1 BMA F . 33.16 19.77 14.06
C2 BMA F . 32.68 20.00 12.60
C3 BMA F . 33.33 21.27 12.07
C4 BMA F . 33.11 22.45 12.98
C5 BMA F . 33.66 22.05 14.38
C6 BMA F . 33.60 23.13 15.43
O2 BMA F . 31.27 20.09 12.53
O3 BMA F . 32.84 21.50 10.75
O4 BMA F . 33.74 23.63 12.53
O5 BMA F . 32.89 20.93 14.83
O6 BMA F . 34.81 23.07 16.16
C1 MAN G . -58.66 27.87 25.00
C2 MAN G . -58.56 27.23 26.41
C3 MAN G . -59.03 28.33 27.34
C4 MAN G . -58.32 29.64 27.16
C5 MAN G . -58.07 30.01 25.68
C6 MAN G . -57.03 31.09 25.47
O2 MAN G . -57.24 26.83 26.72
O3 MAN G . -58.92 27.84 28.69
O4 MAN G . -59.00 30.70 27.81
O5 MAN G . -57.67 28.88 24.91
O6 MAN G . -57.64 32.19 24.84
C1 NAG H . -4.09 20.58 6.88
C2 NAG H . -2.60 20.28 6.63
C3 NAG H . -1.72 21.15 7.49
C4 NAG H . -2.03 22.63 7.14
C5 NAG H . -3.53 22.89 7.44
C6 NAG H . -3.92 24.30 7.00
C7 NAG H . -1.32 18.15 6.36
C8 NAG H . -1.32 16.70 6.68
N2 NAG H . -2.34 18.85 6.90
O3 NAG H . -0.34 20.95 7.25
O4 NAG H . -1.25 23.53 7.93
O5 NAG H . -4.31 22.00 6.70
O6 NAG H . -5.28 24.47 6.89
O7 NAG H . -0.52 18.65 5.72
C1 NAG I . -22.66 26.38 -6.09
C2 NAG I . -21.43 27.25 -5.83
C3 NAG I . -21.80 28.20 -4.69
C4 NAG I . -22.98 29.06 -5.17
C5 NAG I . -24.11 28.25 -5.82
C6 NAG I . -25.00 29.17 -6.64
C7 NAG I . -18.97 26.84 -5.90
C8 NAG I . -17.87 26.05 -5.28
N2 NAG I . -20.22 26.49 -5.50
O3 NAG I . -20.68 29.02 -4.40
O4 NAG I . -23.56 29.77 -4.06
O5 NAG I . -23.62 27.26 -6.71
O6 NAG I . -26.10 28.53 -7.18
O7 NAG I . -18.79 27.69 -6.65
C1 GOL J . -26.08 -0.66 11.08
O1 GOL J . -25.04 -0.90 10.10
C2 GOL J . -25.74 0.63 11.86
O2 GOL J . -25.55 1.77 11.07
C3 GOL J . -26.76 0.93 12.98
O3 GOL J . -27.45 -0.23 13.38
P PO4 K . 42.64 2.07 4.86
O1 PO4 K . 42.34 2.80 6.19
O2 PO4 K . 43.99 1.36 4.94
O3 PO4 K . 41.54 1.09 4.51
O4 PO4 K . 42.73 3.19 3.76
C1 NAG L . 52.39 -19.31 -18.70
C2 NAG L . 53.45 -18.21 -18.60
C3 NAG L . 54.65 -18.43 -19.47
C4 NAG L . 55.21 -19.86 -19.22
C5 NAG L . 54.06 -20.86 -19.49
C6 NAG L . 54.53 -22.27 -19.22
C7 NAG L . 52.39 -16.39 -19.97
C8 NAG L . 52.03 -14.95 -19.94
N2 NAG L . 52.86 -16.88 -18.79
O3 NAG L . 55.65 -17.46 -19.14
O4 NAG L . 56.29 -20.16 -20.09
O5 NAG L . 53.02 -20.59 -18.60
O6 NAG L . 53.56 -23.09 -18.67
O7 NAG L . 52.30 -17.04 -20.90
C1 NAG M . 27.66 15.41 -2.16
C2 NAG M . 28.89 16.20 -2.52
C3 NAG M . 29.66 16.54 -1.26
C4 NAG M . 28.83 16.43 0.01
C5 NAG M . 27.31 16.58 -0.10
C6 NAG M . 26.91 18.04 0.11
C7 NAG M . 30.51 15.91 -4.38
C8 NAG M . 30.91 14.98 -5.48
N2 NAG M . 29.77 15.38 -3.39
O3 NAG M . 30.19 17.87 -1.41
O4 NAG M . 29.10 15.18 0.70
O5 NAG M . 26.79 16.21 -1.35
O6 NAG M . 27.13 18.48 1.39
O7 NAG M . 30.81 17.02 -4.37
C1 MAN N . 62.28 -8.32 -18.98
C2 MAN N . 62.29 -9.86 -18.99
C3 MAN N . 62.87 -10.32 -20.32
C4 MAN N . 62.77 -9.31 -21.43
C5 MAN N . 61.56 -8.37 -21.27
C6 MAN N . 60.24 -8.94 -21.73
O2 MAN N . 60.99 -10.38 -18.81
O3 MAN N . 62.28 -11.57 -20.66
O4 MAN N . 63.95 -8.59 -21.65
O5 MAN N . 61.40 -7.84 -19.96
O6 MAN N . 59.21 -8.12 -21.23
C1 MAN O . 65.93 -12.62 -18.97
C2 MAN O . 65.42 -11.58 -17.92
C3 MAN O . 66.47 -10.48 -17.83
C4 MAN O . 67.65 -10.77 -18.72
C5 MAN O . 67.13 -10.95 -20.16
C6 MAN O . 68.18 -11.24 -21.20
O2 MAN O . 65.22 -12.19 -16.66
O3 MAN O . 66.84 -10.31 -16.46
O4 MAN O . 68.64 -9.77 -18.66
O5 MAN O . 66.16 -12.00 -20.20
O6 MAN O . 67.80 -10.65 -22.42
C1 GOL P . 20.88 -3.51 -11.72
O1 GOL P . 19.50 -3.70 -11.35
C2 GOL P . 20.94 -2.84 -13.12
O2 GOL P . 22.23 -2.45 -13.53
C3 GOL P . 20.31 -3.71 -14.22
O3 GOL P . 21.20 -4.70 -14.66
#